data_7R8Q
#
_entry.id   7R8Q
#
_cell.length_a   145.868
_cell.length_b   82.812
_cell.length_c   107.782
_cell.angle_alpha   90.000
_cell.angle_beta   131.060
_cell.angle_gamma   90.000
#
_symmetry.space_group_name_H-M   'C 1 2 1'
#
loop_
_entity.id
_entity.type
_entity.pdbx_description
1 polymer 'ATP-grasp domain-containing protein'
2 non-polymer 'CITRIC ACID'
3 non-polymer "ADENOSINE-5'-DIPHOSPHATE"
4 non-polymer 'MAGNESIUM ION'
5 non-polymer 'SODIUM ION'
6 water water
#
_entity_poly.entity_id   1
_entity_poly.type   'polypeptide(L)'
_entity_poly.pdbx_seq_one_letter_code
;MHHHHHHHHMTNNGNEPNLTLSDLYDKDVVYTSRPSYISNPWLKPDEHQSNFLTGRELLIANQLPVIVHEASATDKLHQL
FQVIGKEVPNSIYTFNNQQSYENLIKQLAHKENKKIYFQYIHDETILNQQYYALDKTLFVALNNKARIPEWTNGKFLPKR
KVVKIEQFENEIKNWEFPLVIKPGDDLPTAGGYGVMICYHDADLQKAITRIKEATAETNSLIIEQKIEEKANYCVQFAYS
ESLGIQYLGAATQLTDKYGFYNGNENTTNVPEHVIEAGRQIMENGVNQGFFGVAGFDLLVDEDDNVYAIDLNFRQNGSTS
MLLLANELNSGYQKFYSYHSKGDNTHFFNTILKYVKEGSLYPLSYYDGDWYGEDKVKSRFGCIWHGDSKETVLENERAFL
AELEHY
;
_entity_poly.pdbx_strand_id   A,B
#
loop_
_chem_comp.id
_chem_comp.type
_chem_comp.name
_chem_comp.formula
ADP non-polymer ADENOSINE-5'-DIPHOSPHATE 'C10 H15 N5 O10 P2'
CIT non-polymer 'CITRIC ACID' 'C6 H8 O7'
MG non-polymer 'MAGNESIUM ION' 'Mg 2'
NA non-polymer 'SODIUM ION' 'Na 1'
#
# COMPACT_ATOMS: atom_id res chain seq x y z
N ASN A 18 -7.54 29.91 -12.42
CA ASN A 18 -6.29 30.62 -12.68
C ASN A 18 -5.33 30.48 -11.50
N LEU A 19 -5.06 29.24 -11.12
CA LEU A 19 -4.21 28.97 -9.97
C LEU A 19 -2.74 29.21 -10.33
N THR A 20 -1.97 29.72 -9.37
CA THR A 20 -0.53 29.88 -9.50
C THR A 20 0.16 29.25 -8.30
N LEU A 21 1.47 28.99 -8.45
CA LEU A 21 2.18 28.27 -7.41
C LEU A 21 2.27 29.05 -6.11
N SER A 22 2.35 30.38 -6.18
CA SER A 22 2.43 31.17 -4.96
C SER A 22 1.14 31.11 -4.15
N ASP A 23 0.03 30.70 -4.75
CA ASP A 23 -1.19 30.43 -4.01
C ASP A 23 -1.07 29.20 -3.12
N LEU A 24 -0.07 28.35 -3.33
CA LEU A 24 0.02 27.07 -2.65
C LEU A 24 1.17 26.97 -1.66
N TYR A 25 2.09 27.93 -1.64
CA TYR A 25 3.26 27.86 -0.79
C TYR A 25 3.39 29.16 0.00
N ASP A 26 3.95 29.04 1.20
CA ASP A 26 4.06 30.19 2.10
C ASP A 26 5.01 31.23 1.54
N LYS A 27 4.93 32.43 2.11
CA LYS A 27 5.69 33.57 1.63
C LYS A 27 7.20 33.38 1.77
N ASP A 28 7.65 32.49 2.67
CA ASP A 28 9.08 32.31 2.91
C ASP A 28 9.68 31.18 2.08
N VAL A 29 8.92 30.58 1.16
CA VAL A 29 9.40 29.46 0.36
C VAL A 29 10.13 29.98 -0.87
N VAL A 30 11.26 29.35 -1.19
CA VAL A 30 11.99 29.57 -2.44
C VAL A 30 12.11 28.23 -3.15
N TYR A 31 11.96 28.26 -4.47
CA TYR A 31 11.78 27.06 -5.28
C TYR A 31 13.01 26.82 -6.14
N THR A 32 13.48 25.57 -6.16
CA THR A 32 14.49 25.14 -7.13
C THR A 32 14.00 23.87 -7.82
N SER A 33 13.91 23.92 -9.15
CA SER A 33 13.56 22.76 -9.96
C SER A 33 14.79 22.11 -10.57
N ARG A 34 15.98 22.41 -10.05
CA ARG A 34 17.19 21.82 -10.61
C ARG A 34 17.52 20.52 -9.91
N PRO A 35 17.91 19.49 -10.65
CA PRO A 35 18.62 18.36 -10.01
C PRO A 35 19.89 18.88 -9.38
N SER A 36 20.30 18.23 -8.29
CA SER A 36 21.56 18.57 -7.66
C SER A 36 22.71 18.37 -8.66
N TYR A 37 23.78 19.16 -8.48
CA TYR A 37 24.99 18.92 -9.24
C TYR A 37 25.59 17.56 -8.94
N ILE A 38 25.31 17.01 -7.76
CA ILE A 38 25.71 15.65 -7.42
C ILE A 38 24.62 14.71 -7.94
N SER A 39 24.91 14.02 -9.03
CA SER A 39 23.93 13.17 -9.68
C SER A 39 23.88 11.80 -9.00
N ASN A 40 22.92 10.99 -9.45
CA ASN A 40 22.85 9.57 -9.12
C ASN A 40 22.58 8.83 -10.42
N PRO A 41 22.91 7.53 -10.48
CA PRO A 41 22.80 6.81 -11.76
C PRO A 41 21.41 6.80 -12.36
N TRP A 42 20.37 7.07 -11.57
CA TRP A 42 19.00 7.03 -12.04
C TRP A 42 18.41 8.42 -12.26
N LEU A 43 19.22 9.47 -12.08
CA LEU A 43 18.85 10.84 -12.46
C LEU A 43 20.16 11.54 -12.85
N LYS A 44 20.59 11.32 -14.09
CA LYS A 44 21.84 11.86 -14.60
C LYS A 44 21.63 12.66 -15.87
N PRO A 45 20.79 13.71 -15.83
CA PRO A 45 20.63 14.55 -17.02
C PRO A 45 21.88 15.39 -17.26
N ASP A 46 22.01 15.84 -18.50
CA ASP A 46 23.09 16.74 -18.87
C ASP A 46 23.12 17.96 -17.95
N GLU A 47 24.32 18.44 -17.62
CA GLU A 47 24.44 19.62 -16.78
C GLU A 47 23.66 20.79 -17.36
N HIS A 48 23.65 20.91 -18.69
CA HIS A 48 22.88 21.95 -19.36
C HIS A 48 21.38 21.64 -19.36
N GLN A 49 21.02 20.36 -19.42
CA GLN A 49 19.62 20.01 -19.26
C GLN A 49 19.13 20.35 -17.86
N SER A 50 19.96 20.12 -16.84
CA SER A 50 19.58 20.48 -15.48
C SER A 50 19.45 21.98 -15.31
N ASN A 51 20.35 22.75 -15.92
CA ASN A 51 20.23 24.21 -15.86
C ASN A 51 18.99 24.68 -16.63
N PHE A 52 18.73 24.05 -17.78
CA PHE A 52 17.55 24.39 -18.57
C PHE A 52 16.25 24.17 -17.78
N LEU A 53 16.26 23.21 -16.85
CA LEU A 53 15.07 22.93 -16.06
C LEU A 53 14.78 23.99 -15.01
N THR A 54 15.76 24.82 -14.65
CA THR A 54 15.54 25.76 -13.56
C THR A 54 14.49 26.82 -13.89
N GLY A 55 14.29 27.11 -15.16
CA GLY A 55 13.32 28.11 -15.57
C GLY A 55 11.99 27.58 -16.04
N ARG A 56 11.73 26.28 -15.89
CA ARG A 56 10.54 25.69 -16.51
C ARG A 56 9.25 26.23 -15.90
N GLU A 57 9.19 26.39 -14.58
CA GLU A 57 7.98 26.84 -13.91
C GLU A 57 7.93 28.35 -13.71
N LEU A 58 8.69 29.11 -14.50
CA LEU A 58 8.79 30.55 -14.26
C LEU A 58 7.46 31.25 -14.50
N LEU A 59 6.72 30.86 -15.53
CA LEU A 59 5.48 31.55 -15.87
C LEU A 59 4.32 31.24 -14.93
N ILE A 60 4.39 30.14 -14.17
CA ILE A 60 3.35 29.81 -13.21
C ILE A 60 3.77 30.08 -11.77
N ALA A 61 5.01 30.53 -11.55
CA ALA A 61 5.49 30.74 -10.20
C ALA A 61 4.79 31.92 -9.53
N ASN A 62 4.52 32.99 -10.29
CA ASN A 62 3.92 34.21 -9.77
C ASN A 62 4.80 34.82 -8.68
N GLN A 63 4.31 34.83 -7.44
CA GLN A 63 5.06 35.43 -6.35
C GLN A 63 6.11 34.49 -5.74
N LEU A 64 6.13 33.23 -6.14
CA LEU A 64 7.11 32.28 -5.62
C LEU A 64 8.47 32.56 -6.24
N PRO A 65 9.51 32.85 -5.45
CA PRO A 65 10.84 33.06 -6.04
C PRO A 65 11.44 31.75 -6.52
N VAL A 66 12.17 31.82 -7.63
CA VAL A 66 12.74 30.63 -8.27
C VAL A 66 14.25 30.82 -8.41
N ILE A 67 15.00 29.76 -8.14
CA ILE A 67 16.44 29.75 -8.34
C ILE A 67 16.72 29.31 -9.77
N VAL A 68 17.40 30.17 -10.53
CA VAL A 68 17.53 30.04 -11.98
C VAL A 68 18.99 30.23 -12.37
N HIS A 69 19.46 29.43 -13.33
CA HIS A 69 20.79 29.68 -13.89
C HIS A 69 20.76 30.98 -14.70
N GLU A 70 21.88 31.71 -14.66
CA GLU A 70 21.96 32.98 -15.38
C GLU A 70 21.56 32.82 -16.84
N ALA A 71 22.02 31.74 -17.49
CA ALA A 71 21.73 31.55 -18.91
C ALA A 71 20.25 31.29 -19.17
N SER A 72 19.47 30.96 -18.14
CA SER A 72 18.05 30.71 -18.28
C SER A 72 17.19 31.96 -18.16
N ALA A 73 17.79 33.11 -17.86
CA ALA A 73 17.06 34.37 -17.71
C ALA A 73 17.84 35.50 -18.37
N THR A 74 18.26 35.30 -19.60
CA THR A 74 18.95 36.33 -20.37
C THR A 74 17.92 37.21 -21.07
N ASP A 75 18.42 38.17 -21.87
CA ASP A 75 17.53 39.01 -22.64
C ASP A 75 16.74 38.22 -23.68
N LYS A 76 17.27 37.07 -24.12
CA LYS A 76 16.55 36.22 -25.05
C LYS A 76 15.20 35.81 -24.48
N LEU A 77 15.17 35.45 -23.18
CA LEU A 77 13.91 35.08 -22.55
C LEU A 77 12.98 36.28 -22.45
N HIS A 78 13.51 37.46 -22.12
CA HIS A 78 12.68 38.66 -22.03
C HIS A 78 12.00 38.96 -23.36
N GLN A 79 12.73 38.80 -24.47
CA GLN A 79 12.13 39.04 -25.78
C GLN A 79 10.99 38.07 -26.06
N LEU A 80 11.18 36.79 -25.73
CA LEU A 80 10.14 35.80 -25.99
C LEU A 80 8.93 36.05 -25.11
N PHE A 81 9.15 36.46 -23.86
CA PHE A 81 8.03 36.74 -22.97
C PHE A 81 7.30 38.02 -23.39
N GLN A 82 8.04 39.01 -23.88
CA GLN A 82 7.41 40.28 -24.26
C GLN A 82 6.42 40.09 -25.41
N VAL A 83 6.64 39.09 -26.25
CA VAL A 83 5.73 38.85 -27.36
C VAL A 83 4.37 38.38 -26.86
N ILE A 84 4.34 37.58 -25.79
CA ILE A 84 3.09 37.06 -25.28
C ILE A 84 2.62 37.96 -24.14
N GLY A 85 3.27 39.10 -24.00
CA GLY A 85 2.86 40.06 -22.99
C GLY A 85 3.19 39.67 -21.57
N LYS A 86 4.34 39.04 -21.35
CA LYS A 86 4.78 38.65 -20.02
C LYS A 86 6.10 39.30 -19.68
N GLU A 87 6.44 39.29 -18.40
CA GLU A 87 7.74 39.73 -17.92
C GLU A 87 8.47 38.55 -17.30
N VAL A 88 9.79 38.66 -17.23
CA VAL A 88 10.59 37.73 -16.43
C VAL A 88 10.44 38.17 -14.98
N PRO A 89 10.03 37.28 -14.09
CA PRO A 89 9.78 37.68 -12.70
C PRO A 89 11.01 38.33 -12.07
N ASN A 90 10.77 39.42 -11.33
CA ASN A 90 11.84 40.08 -10.59
C ASN A 90 12.31 39.25 -9.40
N SER A 91 11.48 38.32 -8.95
CA SER A 91 11.83 37.47 -7.80
C SER A 91 12.47 36.17 -8.29
N ILE A 92 13.66 36.31 -8.85
CA ILE A 92 14.49 35.17 -9.19
C ILE A 92 15.86 35.38 -8.55
N TYR A 93 16.47 34.28 -8.12
CA TYR A 93 17.86 34.28 -7.67
C TYR A 93 18.68 33.51 -8.69
N THR A 94 19.77 34.11 -9.15
CA THR A 94 20.58 33.50 -10.20
C THR A 94 21.82 32.85 -9.63
N PHE A 95 22.30 31.84 -10.34
CA PHE A 95 23.58 31.18 -10.07
C PHE A 95 24.24 30.90 -11.41
N ASN A 96 25.53 30.59 -11.38
CA ASN A 96 26.25 30.28 -12.62
C ASN A 96 27.18 29.08 -12.53
N ASN A 97 27.27 28.40 -11.39
CA ASN A 97 28.04 27.17 -11.27
C ASN A 97 27.58 26.44 -10.01
N GLN A 98 28.24 25.32 -9.72
CA GLN A 98 27.82 24.52 -8.57
C GLN A 98 28.05 25.26 -7.26
N GLN A 99 29.21 25.92 -7.11
CA GLN A 99 29.55 26.56 -5.85
C GLN A 99 28.56 27.66 -5.50
N SER A 100 28.22 28.50 -6.48
CA SER A 100 27.27 29.58 -6.23
C SER A 100 25.86 29.03 -6.04
N TYR A 101 25.51 27.94 -6.72
CA TYR A 101 24.21 27.31 -6.51
C TYR A 101 24.05 26.82 -5.09
N GLU A 102 25.04 26.04 -4.60
CA GLU A 102 24.94 25.50 -3.25
C GLU A 102 25.10 26.59 -2.19
N ASN A 103 25.93 27.61 -2.46
CA ASN A 103 26.06 28.72 -1.52
C ASN A 103 24.78 29.54 -1.46
N LEU A 104 24.12 29.74 -2.60
CA LEU A 104 22.85 30.46 -2.62
C LEU A 104 21.81 29.75 -1.76
N ILE A 105 21.71 28.43 -1.90
CA ILE A 105 20.72 27.67 -1.14
C ILE A 105 20.98 27.80 0.36
N LYS A 106 22.24 27.71 0.77
CA LYS A 106 22.58 27.85 2.18
C LYS A 106 22.27 29.25 2.69
N GLN A 107 22.68 30.27 1.92
CA GLN A 107 22.47 31.65 2.35
C GLN A 107 20.98 31.97 2.46
N LEU A 108 20.18 31.49 1.52
CA LEU A 108 18.74 31.73 1.56
C LEU A 108 18.13 31.15 2.83
N ALA A 109 18.54 29.94 3.22
CA ALA A 109 17.94 29.30 4.38
C ALA A 109 18.44 29.88 5.69
N HIS A 110 19.70 30.31 5.74
CA HIS A 110 20.33 30.78 6.97
C HIS A 110 20.23 32.28 7.19
N LYS A 111 20.54 33.07 6.16
CA LYS A 111 20.51 34.52 6.27
C LYS A 111 19.15 35.11 5.96
N GLU A 112 18.49 34.63 4.90
CA GLU A 112 17.17 35.12 4.54
C GLU A 112 16.04 34.39 5.26
N ASN A 113 16.36 33.36 6.05
CA ASN A 113 15.37 32.57 6.77
C ASN A 113 14.29 32.03 5.82
N LYS A 114 14.72 31.62 4.63
CA LYS A 114 13.80 31.02 3.68
C LYS A 114 13.66 29.52 3.95
N LYS A 115 12.59 28.94 3.41
CA LYS A 115 12.43 27.49 3.31
C LYS A 115 12.52 27.11 1.84
N ILE A 116 13.26 26.05 1.55
CA ILE A 116 13.56 25.66 0.17
C ILE A 116 12.67 24.50 -0.23
N TYR A 117 11.93 24.67 -1.32
CA TYR A 117 11.19 23.59 -1.95
C TYR A 117 12.06 22.98 -3.06
N PHE A 118 12.43 21.71 -2.88
CA PHE A 118 13.18 20.97 -3.89
C PHE A 118 12.25 20.10 -4.71
N GLN A 119 12.35 20.20 -6.04
CA GLN A 119 11.71 19.20 -6.89
C GLN A 119 12.36 17.83 -6.68
N TYR A 120 13.68 17.81 -6.50
CA TYR A 120 14.43 16.59 -6.25
C TYR A 120 15.33 16.83 -5.06
N ILE A 121 15.30 15.92 -4.07
CA ILE A 121 16.04 16.16 -2.85
C ILE A 121 17.54 16.31 -3.14
N HIS A 122 18.19 17.17 -2.37
CA HIS A 122 19.64 17.31 -2.36
C HIS A 122 20.17 16.70 -1.07
N ASP A 123 21.47 16.41 -1.05
CA ASP A 123 22.01 15.75 0.13
C ASP A 123 22.04 16.72 1.31
N GLU A 124 22.14 16.14 2.52
CA GLU A 124 22.02 16.92 3.74
C GLU A 124 23.15 17.92 3.92
N THR A 125 24.31 17.68 3.30
CA THR A 125 25.41 18.62 3.44
C THR A 125 25.21 19.89 2.61
N ILE A 126 24.32 19.85 1.62
CA ILE A 126 23.94 21.07 0.91
C ILE A 126 22.96 21.89 1.74
N LEU A 127 21.94 21.24 2.29
CA LEU A 127 20.96 21.91 3.14
C LEU A 127 20.35 20.90 4.09
N ASN A 128 20.39 21.20 5.38
CA ASN A 128 19.78 20.33 6.38
C ASN A 128 18.27 20.27 6.18
N GLN A 129 17.69 19.11 6.50
CA GLN A 129 16.27 18.86 6.24
C GLN A 129 15.35 19.82 6.97
N GLN A 130 15.82 20.46 8.05
CA GLN A 130 14.95 21.38 8.79
C GLN A 130 14.57 22.61 7.97
N TYR A 131 15.28 22.88 6.88
CA TYR A 131 15.02 24.05 6.04
C TYR A 131 14.22 23.70 4.78
N TYR A 132 13.73 22.47 4.68
CA TYR A 132 12.87 22.09 3.56
C TYR A 132 11.48 22.69 3.73
N ALA A 133 10.92 23.19 2.64
CA ALA A 133 9.57 23.76 2.69
C ALA A 133 8.53 22.69 2.98
N LEU A 134 8.75 21.47 2.53
CA LEU A 134 7.87 20.34 2.80
C LEU A 134 8.71 19.24 3.45
N ASP A 135 8.16 18.63 4.50
CA ASP A 135 8.90 17.66 5.31
C ASP A 135 9.64 16.66 4.43
N LYS A 136 10.96 16.59 4.61
CA LYS A 136 11.80 15.82 3.69
C LYS A 136 11.47 14.34 3.74
N THR A 137 11.29 13.79 4.95
CA THR A 137 10.95 12.38 5.09
C THR A 137 9.65 12.06 4.35
N LEU A 138 8.63 12.90 4.53
CA LEU A 138 7.35 12.68 3.86
C LEU A 138 7.49 12.84 2.35
N PHE A 139 8.22 13.87 1.91
CA PHE A 139 8.44 14.09 0.49
C PHE A 139 9.09 12.88 -0.16
N VAL A 140 10.12 12.33 0.48
CA VAL A 140 10.83 11.17 -0.07
C VAL A 140 9.90 9.96 -0.11
N ALA A 141 9.11 9.76 0.94
CA ALA A 141 8.21 8.60 1.00
C ALA A 141 7.12 8.69 -0.08
N LEU A 142 6.52 9.87 -0.22
CA LEU A 142 5.47 10.06 -1.22
C LEU A 142 5.99 9.80 -2.63
N ASN A 143 7.21 10.26 -2.91
CA ASN A 143 7.79 10.14 -4.25
C ASN A 143 8.63 8.87 -4.43
N ASN A 144 8.46 7.90 -3.53
CA ASN A 144 9.17 6.64 -3.60
C ASN A 144 8.35 5.64 -4.40
N LYS A 145 8.87 5.21 -5.56
CA LYS A 145 8.11 4.33 -6.44
C LYS A 145 7.86 2.96 -5.80
N ALA A 146 8.79 2.49 -4.97
CA ALA A 146 8.57 1.22 -4.30
C ALA A 146 7.34 1.27 -3.39
N ARG A 147 7.05 2.44 -2.82
CA ARG A 147 5.97 2.61 -1.86
C ARG A 147 4.66 3.06 -2.48
N ILE A 148 4.54 2.99 -3.81
CA ILE A 148 3.29 3.41 -4.47
C ILE A 148 2.06 2.73 -3.88
N PRO A 149 2.03 1.40 -3.67
CA PRO A 149 0.80 0.77 -3.14
C PRO A 149 0.38 1.30 -1.78
N GLU A 150 1.32 1.83 -1.00
CA GLU A 150 1.00 2.49 0.27
C GLU A 150 0.15 3.73 0.08
N TRP A 151 0.20 4.36 -1.09
CA TRP A 151 -0.53 5.58 -1.34
C TRP A 151 -1.77 5.39 -2.21
N THR A 152 -1.93 4.22 -2.82
CA THR A 152 -3.06 3.95 -3.71
C THR A 152 -4.11 3.05 -3.06
N ASN A 153 -4.07 2.92 -1.73
CA ASN A 153 -4.91 1.96 -1.00
C ASN A 153 -4.71 0.54 -1.52
N GLY A 154 -3.53 0.27 -2.08
CA GLY A 154 -3.19 -1.05 -2.57
C GLY A 154 -3.77 -1.42 -3.92
N LYS A 155 -4.30 -0.45 -4.67
CA LYS A 155 -4.91 -0.72 -5.95
C LYS A 155 -4.13 -0.04 -7.08
N PHE A 156 -4.52 -0.39 -8.30
CA PHE A 156 -4.04 0.20 -9.55
C PHE A 156 -2.58 -0.12 -9.84
N LEU A 157 -2.03 -1.15 -9.24
CA LEU A 157 -0.68 -1.28 -9.73
C LEU A 157 -0.55 -2.48 -10.66
N PRO A 158 0.42 -2.42 -11.59
CA PRO A 158 0.72 -3.60 -12.40
C PRO A 158 1.23 -4.73 -11.52
N LYS A 159 1.21 -5.93 -12.08
CA LYS A 159 1.86 -7.05 -11.42
C LYS A 159 3.31 -6.68 -11.15
N ARG A 160 3.71 -6.70 -9.88
CA ARG A 160 5.02 -6.18 -9.52
C ARG A 160 5.54 -6.86 -8.27
N LYS A 161 6.86 -6.82 -8.12
CA LYS A 161 7.53 -7.26 -6.91
C LYS A 161 8.76 -6.42 -6.70
N VAL A 162 9.03 -6.07 -5.44
CA VAL A 162 10.25 -5.36 -5.07
C VAL A 162 11.21 -6.39 -4.47
N VAL A 163 12.38 -6.52 -5.08
CA VAL A 163 13.37 -7.50 -4.64
C VAL A 163 14.68 -6.79 -4.31
N LYS A 164 15.40 -7.33 -3.34
CA LYS A 164 16.76 -6.86 -3.08
C LYS A 164 17.66 -7.19 -4.26
N ILE A 165 18.72 -6.40 -4.40
CA ILE A 165 19.56 -6.54 -5.59
C ILE A 165 20.28 -7.88 -5.60
N GLU A 166 20.52 -8.48 -4.43
CA GLU A 166 21.16 -9.78 -4.38
C GLU A 166 20.26 -10.91 -4.88
N GLN A 167 18.94 -10.71 -4.83
CA GLN A 167 17.99 -11.69 -5.34
C GLN A 167 17.49 -11.36 -6.74
N PHE A 168 17.94 -10.26 -7.33
CA PHE A 168 17.37 -9.81 -8.61
C PHE A 168 17.60 -10.84 -9.71
N GLU A 169 18.80 -11.43 -9.77
CA GLU A 169 19.13 -12.35 -10.85
C GLU A 169 18.22 -13.57 -10.85
N ASN A 170 18.02 -14.17 -9.68
CA ASN A 170 17.17 -15.35 -9.61
C ASN A 170 15.70 -15.00 -9.82
N GLU A 171 15.28 -13.81 -9.42
CA GLU A 171 13.87 -13.45 -9.54
C GLU A 171 13.49 -13.07 -10.97
N ILE A 172 14.36 -12.33 -11.66
CA ILE A 172 14.01 -11.81 -12.98
C ILE A 172 13.70 -12.93 -13.97
N LYS A 173 14.23 -14.13 -13.73
CA LYS A 173 14.00 -15.25 -14.64
C LYS A 173 12.54 -15.68 -14.66
N ASN A 174 11.76 -15.31 -13.64
CA ASN A 174 10.37 -15.74 -13.54
C ASN A 174 9.41 -14.84 -14.32
N TRP A 175 9.91 -13.83 -15.01
CA TRP A 175 9.07 -12.81 -15.61
C TRP A 175 9.13 -12.88 -17.12
N GLU A 176 7.99 -12.63 -17.76
CA GLU A 176 7.91 -12.58 -19.21
C GLU A 176 8.00 -11.14 -19.71
N PHE A 177 8.44 -10.99 -20.93
CA PHE A 177 8.51 -9.68 -21.54
C PHE A 177 7.15 -9.28 -22.11
N PRO A 178 6.85 -7.98 -22.20
CA PRO A 178 7.71 -6.87 -21.77
C PRO A 178 7.59 -6.59 -20.28
N LEU A 179 8.65 -6.08 -19.67
CA LEU A 179 8.66 -5.76 -18.26
C LEU A 179 9.42 -4.46 -18.05
N VAL A 180 9.30 -3.90 -16.85
CA VAL A 180 10.00 -2.68 -16.46
C VAL A 180 10.76 -2.95 -15.17
N ILE A 181 11.99 -2.46 -15.09
CA ILE A 181 12.79 -2.51 -13.88
C ILE A 181 13.05 -1.08 -13.43
N LYS A 182 12.80 -0.81 -12.16
CA LYS A 182 12.99 0.52 -11.59
C LYS A 182 13.73 0.42 -10.27
N PRO A 183 14.56 1.39 -9.94
CA PRO A 183 15.19 1.42 -8.62
C PRO A 183 14.13 1.53 -7.53
N GLY A 184 14.31 0.75 -6.46
CA GLY A 184 13.32 0.71 -5.40
C GLY A 184 13.77 1.33 -4.09
N ASP A 185 14.70 2.29 -4.16
CA ASP A 185 15.24 2.93 -2.97
C ASP A 185 14.73 4.38 -2.89
N ASP A 186 15.48 5.24 -2.22
CA ASP A 186 15.02 6.60 -1.89
C ASP A 186 15.62 7.67 -2.78
N LEU A 187 16.31 7.29 -3.86
CA LEU A 187 16.97 8.25 -4.73
C LEU A 187 15.94 8.98 -5.59
N PRO A 188 16.16 10.26 -5.86
CA PRO A 188 15.26 10.99 -6.75
C PRO A 188 15.41 10.52 -8.19
N THR A 189 14.31 10.56 -8.92
CA THR A 189 14.32 10.19 -10.34
C THR A 189 13.14 10.87 -11.01
N ALA A 190 13.25 11.03 -12.33
CA ALA A 190 12.24 11.72 -13.13
C ALA A 190 12.67 11.64 -14.59
N GLY A 191 11.74 12.03 -15.47
CA GLY A 191 12.01 12.18 -16.88
C GLY A 191 12.38 10.92 -17.64
N GLY A 192 12.24 9.76 -17.03
CA GLY A 192 12.67 8.53 -17.68
C GLY A 192 14.13 8.21 -17.51
N TYR A 193 14.85 8.95 -16.66
CA TYR A 193 16.27 8.70 -16.45
C TYR A 193 16.53 7.48 -15.58
N GLY A 194 15.53 6.98 -14.86
CA GLY A 194 15.73 5.82 -14.00
C GLY A 194 14.69 4.74 -14.21
N VAL A 195 14.42 4.39 -15.46
CA VAL A 195 13.46 3.35 -15.82
C VAL A 195 14.05 2.51 -16.95
N MET A 196 14.03 1.19 -16.78
CA MET A 196 14.58 0.27 -17.77
C MET A 196 13.47 -0.63 -18.30
N ILE A 197 12.89 -0.26 -19.44
CA ILE A 197 11.83 -1.05 -20.07
C ILE A 197 12.48 -2.09 -20.97
N CYS A 198 12.13 -3.35 -20.77
CA CYS A 198 12.74 -4.46 -21.50
C CYS A 198 11.67 -5.20 -22.29
N TYR A 199 11.90 -5.33 -23.60
CA TYR A 199 11.01 -6.06 -24.48
C TYR A 199 11.55 -7.41 -24.90
N HIS A 200 12.81 -7.71 -24.60
CA HIS A 200 13.47 -8.95 -25.02
C HIS A 200 14.78 -9.07 -24.25
N ASP A 201 15.45 -10.21 -24.44
CA ASP A 201 16.67 -10.49 -23.69
C ASP A 201 17.76 -9.47 -23.94
N ALA A 202 17.80 -8.88 -25.14
CA ALA A 202 18.84 -7.90 -25.43
C ALA A 202 18.66 -6.65 -24.58
N ASP A 203 17.40 -6.23 -24.37
CA ASP A 203 17.13 -5.14 -23.44
C ASP A 203 17.55 -5.50 -22.03
N LEU A 204 17.22 -6.72 -21.58
CA LEU A 204 17.55 -7.12 -20.22
C LEU A 204 19.06 -7.15 -20.01
N GLN A 205 19.81 -7.63 -21.00
CA GLN A 205 21.26 -7.66 -20.91
C GLN A 205 21.82 -6.27 -20.67
N LYS A 206 21.32 -5.27 -21.39
CA LYS A 206 21.75 -3.89 -21.17
C LYS A 206 21.34 -3.40 -19.78
N ALA A 207 20.13 -3.75 -19.34
CA ALA A 207 19.67 -3.29 -18.03
C ALA A 207 20.51 -3.88 -16.90
N ILE A 208 20.87 -5.17 -17.02
CA ILE A 208 21.66 -5.83 -15.99
C ILE A 208 23.01 -5.15 -15.84
N THR A 209 23.64 -4.78 -16.96
CA THR A 209 24.91 -4.07 -16.90
C THR A 209 24.75 -2.71 -16.25
N ARG A 210 23.70 -1.97 -16.61
CA ARG A 210 23.48 -0.67 -15.99
C ARG A 210 23.25 -0.80 -14.49
N ILE A 211 22.46 -1.79 -14.08
CA ILE A 211 22.25 -2.02 -12.65
C ILE A 211 23.57 -2.37 -11.97
N LYS A 212 24.40 -3.17 -12.64
CA LYS A 212 25.66 -3.60 -12.04
C LYS A 212 26.62 -2.43 -11.88
N GLU A 213 26.64 -1.51 -12.85
CA GLU A 213 27.48 -0.32 -12.72
C GLU A 213 26.98 0.62 -11.65
N ALA A 214 25.71 0.50 -11.23
CA ALA A 214 25.12 1.34 -10.20
C ALA A 214 24.97 0.59 -8.88
N THR A 215 25.79 -0.44 -8.67
CA THR A 215 25.68 -1.24 -7.45
C THR A 215 25.86 -0.41 -6.19
N ALA A 216 26.70 0.63 -6.25
CA ALA A 216 26.97 1.43 -5.07
C ALA A 216 25.73 2.17 -4.58
N GLU A 217 24.83 2.53 -5.49
CA GLU A 217 23.67 3.35 -5.15
C GLU A 217 22.35 2.59 -5.21
N THR A 218 22.37 1.29 -5.46
CA THR A 218 21.15 0.52 -5.66
C THR A 218 21.10 -0.64 -4.67
N ASN A 219 20.07 -0.65 -3.82
CA ASN A 219 19.86 -1.74 -2.88
C ASN A 219 18.68 -2.62 -3.25
N SER A 220 17.73 -2.13 -4.04
CA SER A 220 16.57 -2.92 -4.41
C SER A 220 16.06 -2.46 -5.76
N LEU A 221 15.31 -3.34 -6.42
CA LEU A 221 14.77 -3.11 -7.75
C LEU A 221 13.28 -3.44 -7.75
N ILE A 222 12.52 -2.61 -8.43
CA ILE A 222 11.12 -2.91 -8.72
C ILE A 222 11.07 -3.65 -10.05
N ILE A 223 10.44 -4.82 -10.06
CA ILE A 223 10.13 -5.53 -11.29
C ILE A 223 8.63 -5.42 -11.52
N GLU A 224 8.24 -4.96 -12.71
CA GLU A 224 6.87 -4.57 -12.99
C GLU A 224 6.48 -5.03 -14.38
N GLN A 225 5.28 -5.56 -14.52
CA GLN A 225 4.80 -5.92 -15.87
C GLN A 225 4.61 -4.64 -16.68
N LYS A 226 5.03 -4.70 -17.94
CA LYS A 226 4.85 -3.57 -18.84
C LYS A 226 3.40 -3.60 -19.36
N ILE A 227 2.63 -2.58 -18.99
CA ILE A 227 1.22 -2.50 -19.37
C ILE A 227 1.13 -2.07 -20.83
N GLU A 228 0.29 -2.76 -21.60
CA GLU A 228 0.03 -2.40 -22.99
C GLU A 228 -1.03 -1.30 -23.01
N GLU A 229 -0.57 -0.08 -22.74
CA GLU A 229 -1.51 1.02 -22.47
C GLU A 229 -2.12 1.56 -23.75
N LYS A 230 -3.39 1.95 -23.66
CA LYS A 230 -4.05 2.70 -24.73
C LYS A 230 -4.03 4.19 -24.48
N ALA A 231 -3.80 4.62 -23.24
CA ALA A 231 -3.65 6.03 -22.91
C ALA A 231 -2.68 6.14 -21.76
N ASN A 232 -2.01 7.29 -21.68
CA ASN A 232 -0.99 7.54 -20.66
C ASN A 232 -1.23 8.97 -20.16
N TYR A 233 -1.94 9.09 -19.05
CA TYR A 233 -2.32 10.38 -18.50
C TYR A 233 -1.38 10.79 -17.37
N CYS A 234 -1.18 12.08 -17.23
CA CYS A 234 -0.68 12.69 -16.00
C CYS A 234 -1.85 13.48 -15.43
N VAL A 235 -2.46 12.96 -14.37
CA VAL A 235 -3.64 13.56 -13.75
C VAL A 235 -3.17 14.40 -12.56
N GLN A 236 -3.50 15.69 -12.57
CA GLN A 236 -2.92 16.65 -11.64
C GLN A 236 -3.96 17.18 -10.66
N PHE A 237 -3.49 17.46 -9.45
CA PHE A 237 -4.33 18.00 -8.38
C PHE A 237 -3.50 19.01 -7.60
N ALA A 238 -4.21 19.87 -6.86
CA ALA A 238 -3.58 20.84 -5.98
C ALA A 238 -4.29 20.80 -4.64
N TYR A 239 -3.55 21.13 -3.58
CA TYR A 239 -4.14 21.24 -2.25
C TYR A 239 -3.51 22.37 -1.47
N SER A 240 -4.36 23.15 -0.81
CA SER A 240 -3.97 24.04 0.27
C SER A 240 -5.10 24.04 1.29
N GLU A 241 -4.79 24.51 2.50
CA GLU A 241 -5.79 24.45 3.57
C GLU A 241 -7.05 25.23 3.23
N SER A 242 -6.91 26.34 2.51
CA SER A 242 -8.07 27.12 2.11
C SER A 242 -8.72 26.62 0.83
N LEU A 243 -7.94 26.06 -0.11
CA LEU A 243 -8.50 25.63 -1.36
C LEU A 243 -9.13 24.24 -1.28
N GLY A 244 -8.67 23.40 -0.36
CA GLY A 244 -9.09 22.02 -0.44
C GLY A 244 -8.38 21.30 -1.57
N ILE A 245 -8.87 20.11 -1.90
CA ILE A 245 -8.32 19.30 -2.98
C ILE A 245 -9.01 19.70 -4.28
N GLN A 246 -8.23 20.12 -5.27
CA GLN A 246 -8.77 20.63 -6.52
C GLN A 246 -8.17 19.88 -7.70
N TYR A 247 -9.04 19.37 -8.57
CA TYR A 247 -8.60 18.75 -9.81
C TYR A 247 -8.13 19.83 -10.78
N LEU A 248 -6.91 19.65 -11.31
CA LEU A 248 -6.33 20.64 -12.21
C LEU A 248 -6.50 20.28 -13.68
N GLY A 249 -6.89 19.05 -13.98
CA GLY A 249 -6.94 18.56 -15.35
C GLY A 249 -5.97 17.43 -15.55
N ALA A 250 -5.82 17.02 -16.81
CA ALA A 250 -4.93 15.91 -17.14
C ALA A 250 -4.25 16.20 -18.46
N ALA A 251 -3.07 15.60 -18.63
CA ALA A 251 -2.32 15.68 -19.86
C ALA A 251 -1.93 14.28 -20.29
N THR A 252 -1.84 14.07 -21.60
CA THR A 252 -1.26 12.84 -22.13
C THR A 252 0.25 12.96 -22.10
N GLN A 253 0.93 11.87 -21.76
CA GLN A 253 2.39 11.88 -21.74
C GLN A 253 2.93 11.51 -23.11
N LEU A 254 3.96 12.23 -23.54
CA LEU A 254 4.73 11.87 -24.72
C LEU A 254 6.03 11.26 -24.22
N THR A 255 6.07 9.93 -24.16
CA THR A 255 7.24 9.17 -23.74
C THR A 255 7.59 8.16 -24.82
N ASP A 256 8.88 7.92 -25.03
CA ASP A 256 9.27 7.04 -26.11
C ASP A 256 9.16 5.58 -25.65
N LYS A 257 9.67 4.67 -26.45
CA LYS A 257 9.54 3.24 -26.20
C LYS A 257 10.19 2.81 -24.89
N TYR A 258 11.19 3.56 -24.42
CA TYR A 258 11.90 3.24 -23.19
C TYR A 258 11.49 4.14 -22.03
N GLY A 259 10.39 4.87 -22.17
CA GLY A 259 9.87 5.70 -21.10
C GLY A 259 10.50 7.07 -20.97
N PHE A 260 11.42 7.43 -21.87
CA PHE A 260 12.06 8.74 -21.80
C PHE A 260 11.03 9.84 -22.05
N TYR A 261 11.02 10.85 -21.19
CA TYR A 261 10.00 11.90 -21.23
C TYR A 261 10.38 12.97 -22.24
N ASN A 262 9.52 13.20 -23.23
CA ASN A 262 9.68 14.26 -24.20
C ASN A 262 8.72 15.43 -24.03
N GLY A 263 7.50 15.18 -23.56
CA GLY A 263 6.56 16.28 -23.38
C GLY A 263 5.16 15.79 -23.09
N ASN A 264 4.18 16.62 -23.47
CA ASN A 264 2.78 16.36 -23.15
C ASN A 264 1.87 16.87 -24.26
N GLU A 265 0.69 16.26 -24.35
CA GLU A 265 -0.43 16.76 -25.14
C GLU A 265 -1.61 17.03 -24.21
N ASN A 266 -2.48 17.95 -24.62
CA ASN A 266 -3.68 18.21 -23.84
C ASN A 266 -4.69 17.07 -24.01
N THR A 267 -5.67 17.05 -23.13
CA THR A 267 -6.73 16.04 -23.16
C THR A 267 -8.08 16.71 -23.29
N THR A 268 -9.05 15.96 -23.82
CA THR A 268 -10.40 16.46 -24.02
C THR A 268 -11.42 15.78 -23.12
N ASN A 269 -11.40 14.45 -23.01
CA ASN A 269 -12.39 13.69 -22.25
C ASN A 269 -11.67 12.62 -21.43
N VAL A 270 -11.18 13.02 -20.26
CA VAL A 270 -10.59 12.05 -19.34
C VAL A 270 -11.70 11.22 -18.70
N PRO A 271 -11.59 9.90 -18.67
CA PRO A 271 -12.63 9.09 -18.01
C PRO A 271 -12.79 9.48 -16.55
N GLU A 272 -14.02 9.33 -16.06
CA GLU A 272 -14.32 9.71 -14.68
C GLU A 272 -13.52 8.87 -13.69
N HIS A 273 -13.42 7.56 -13.93
CA HIS A 273 -12.74 6.69 -12.99
C HIS A 273 -11.23 6.89 -12.99
N VAL A 274 -10.67 7.45 -14.09
CA VAL A 274 -9.26 7.84 -14.07
C VAL A 274 -9.04 9.02 -13.14
N ILE A 275 -9.90 10.04 -13.25
CA ILE A 275 -9.80 11.19 -12.35
C ILE A 275 -9.97 10.75 -10.90
N GLU A 276 -10.91 9.83 -10.65
CA GLU A 276 -11.21 9.44 -9.28
C GLU A 276 -10.08 8.60 -8.68
N ALA A 277 -9.40 7.79 -9.49
CA ALA A 277 -8.21 7.08 -9.02
C ALA A 277 -7.15 8.07 -8.57
N GLY A 278 -6.89 9.10 -9.38
CA GLY A 278 -5.91 10.10 -8.99
C GLY A 278 -6.31 10.90 -7.77
N ARG A 279 -7.60 11.25 -7.68
CA ARG A 279 -8.04 12.04 -6.53
C ARG A 279 -7.87 11.27 -5.23
N GLN A 280 -8.21 9.97 -5.23
CA GLN A 280 -8.05 9.17 -4.03
C GLN A 280 -6.59 9.11 -3.61
N ILE A 281 -5.67 9.00 -4.57
CA ILE A 281 -4.24 9.04 -4.25
C ILE A 281 -3.87 10.39 -3.66
N MET A 282 -4.35 11.48 -4.26
CA MET A 282 -4.09 12.81 -3.73
C MET A 282 -4.61 12.95 -2.30
N GLU A 283 -5.80 12.42 -2.03
CA GLU A 283 -6.35 12.48 -0.69
C GLU A 283 -5.47 11.72 0.31
N ASN A 284 -4.95 10.56 -0.10
CA ASN A 284 -4.09 9.79 0.80
C ASN A 284 -2.82 10.56 1.12
N GLY A 285 -2.23 11.22 0.12
CA GLY A 285 -1.06 12.04 0.40
C GLY A 285 -1.37 13.24 1.26
N VAL A 286 -2.47 13.94 0.95
CA VAL A 286 -2.85 15.11 1.74
C VAL A 286 -3.07 14.73 3.19
N ASN A 287 -3.75 13.60 3.44
CA ASN A 287 -3.99 13.15 4.80
C ASN A 287 -2.71 12.83 5.57
N GLN A 288 -1.57 12.70 4.88
CA GLN A 288 -0.29 12.49 5.53
C GLN A 288 0.51 13.79 5.67
N GLY A 289 -0.02 14.91 5.21
CA GLY A 289 0.66 16.18 5.30
C GLY A 289 1.09 16.82 3.99
N PHE A 290 0.73 16.23 2.85
CA PHE A 290 1.15 16.80 1.57
C PHE A 290 0.36 18.07 1.25
N PHE A 291 1.02 19.00 0.57
CA PHE A 291 0.39 20.19 0.03
C PHE A 291 1.12 20.60 -1.24
N GLY A 292 0.46 21.45 -2.02
CA GLY A 292 1.03 21.90 -3.27
C GLY A 292 0.43 21.20 -4.47
N VAL A 293 1.25 20.95 -5.49
CA VAL A 293 0.81 20.32 -6.74
C VAL A 293 1.26 18.87 -6.74
N ALA A 294 0.44 17.99 -7.30
CA ALA A 294 0.83 16.60 -7.51
C ALA A 294 0.34 16.16 -8.88
N GLY A 295 1.06 15.21 -9.47
CA GLY A 295 0.68 14.65 -10.75
C GLY A 295 0.93 13.16 -10.79
N PHE A 296 -0.08 12.38 -11.13
CA PHE A 296 0.01 10.93 -11.10
C PHE A 296 -0.07 10.38 -12.51
N ASP A 297 0.90 9.53 -12.87
CA ASP A 297 0.91 8.85 -14.16
C ASP A 297 -0.07 7.68 -14.09
N LEU A 298 -1.19 7.78 -14.81
CA LEU A 298 -2.22 6.76 -14.81
C LEU A 298 -2.37 6.24 -16.23
N LEU A 299 -1.99 4.98 -16.44
CA LEU A 299 -2.19 4.29 -17.70
C LEU A 299 -3.59 3.70 -17.76
N VAL A 300 -4.09 3.54 -18.97
CA VAL A 300 -5.36 2.86 -19.22
C VAL A 300 -5.12 1.83 -20.32
N ASP A 301 -5.51 0.58 -20.06
CA ASP A 301 -5.30 -0.49 -21.03
C ASP A 301 -6.53 -0.59 -21.95
N GLU A 302 -6.59 -1.65 -22.76
CA GLU A 302 -7.69 -1.82 -23.71
C GLU A 302 -9.00 -2.12 -23.00
N ASP A 303 -8.94 -2.74 -21.82
CA ASP A 303 -10.15 -3.05 -21.05
C ASP A 303 -10.49 -1.95 -20.05
N ASP A 304 -9.90 -0.77 -20.18
CA ASP A 304 -10.19 0.42 -19.40
C ASP A 304 -9.77 0.30 -17.92
N ASN A 305 -8.86 -0.61 -17.61
CA ASN A 305 -8.29 -0.66 -16.27
C ASN A 305 -7.28 0.46 -16.08
N VAL A 306 -7.21 0.99 -14.86
CA VAL A 306 -6.32 2.09 -14.52
C VAL A 306 -5.09 1.55 -13.81
N TYR A 307 -3.92 2.05 -14.18
CA TYR A 307 -2.67 1.63 -13.55
C TYR A 307 -1.89 2.85 -13.08
N ALA A 308 -1.61 2.92 -11.79
CA ALA A 308 -0.75 3.96 -11.23
C ALA A 308 0.68 3.44 -11.26
N ILE A 309 1.47 3.94 -12.21
CA ILE A 309 2.84 3.46 -12.38
C ILE A 309 3.88 4.40 -11.78
N ASP A 310 3.50 5.64 -11.47
CA ASP A 310 4.45 6.66 -11.04
C ASP A 310 3.67 7.79 -10.38
N LEU A 311 3.96 8.05 -9.11
CA LEU A 311 3.35 9.17 -8.39
C LEU A 311 4.36 10.29 -8.28
N ASN A 312 3.98 11.48 -8.72
CA ASN A 312 4.82 12.67 -8.65
C ASN A 312 4.18 13.65 -7.69
N PHE A 313 4.51 13.51 -6.40
CA PHE A 313 4.02 14.43 -5.36
C PHE A 313 4.90 15.69 -5.39
N ARG A 314 4.70 16.45 -6.45
CA ARG A 314 5.43 17.68 -6.78
C ARG A 314 4.87 18.16 -8.11
N GLN A 315 5.25 19.38 -8.47
CA GLN A 315 4.99 19.87 -9.82
C GLN A 315 5.73 19.00 -10.85
N ASN A 316 5.32 19.11 -12.10
CA ASN A 316 6.13 18.60 -13.20
C ASN A 316 5.81 19.41 -14.45
N GLY A 317 6.27 18.91 -15.60
CA GLY A 317 6.15 19.70 -16.83
C GLY A 317 4.71 19.96 -17.22
N SER A 318 3.84 18.97 -17.09
CA SER A 318 2.44 19.14 -17.46
C SER A 318 1.71 20.15 -16.59
N THR A 319 2.33 20.58 -15.47
CA THR A 319 1.68 21.56 -14.60
C THR A 319 1.56 22.91 -15.30
N SER A 320 2.58 23.32 -16.04
CA SER A 320 2.52 24.60 -16.74
C SER A 320 1.43 24.59 -17.79
N MET A 321 1.31 23.49 -18.53
CA MET A 321 0.26 23.37 -19.55
C MET A 321 -1.13 23.56 -18.93
N LEU A 322 -1.37 22.96 -17.77
CA LEU A 322 -2.71 22.99 -17.19
C LEU A 322 -3.00 24.31 -16.47
N LEU A 323 -1.99 24.89 -15.81
CA LEU A 323 -2.21 26.15 -15.12
C LEU A 323 -2.24 27.35 -16.06
N LEU A 324 -1.75 27.19 -17.29
CA LEU A 324 -1.78 28.25 -18.29
C LEU A 324 -2.84 28.01 -19.37
N ALA A 325 -3.78 27.09 -19.11
CA ALA A 325 -4.77 26.74 -20.13
C ALA A 325 -5.60 27.94 -20.57
N ASN A 326 -5.77 28.93 -19.69
CA ASN A 326 -6.56 30.12 -20.02
C ASN A 326 -5.92 30.98 -21.12
N GLU A 327 -4.66 30.73 -21.48
CA GLU A 327 -3.97 31.54 -22.46
C GLU A 327 -3.65 30.78 -23.74
N LEU A 328 -4.14 29.55 -23.87
CA LEU A 328 -3.78 28.67 -24.97
C LEU A 328 -5.01 28.22 -25.73
N ASN A 329 -4.85 28.04 -27.05
CA ASN A 329 -5.89 27.42 -27.85
C ASN A 329 -6.19 26.03 -27.31
N SER A 330 -7.48 25.71 -27.17
CA SER A 330 -7.92 24.47 -26.56
C SER A 330 -8.08 23.33 -27.55
N GLY A 331 -7.88 23.57 -28.84
CA GLY A 331 -8.07 22.51 -29.83
C GLY A 331 -7.03 21.41 -29.70
N TYR A 332 -5.75 21.77 -29.68
CA TYR A 332 -4.67 20.81 -29.53
C TYR A 332 -3.46 21.54 -28.98
N GLN A 333 -2.80 20.93 -28.00
CA GLN A 333 -1.62 21.50 -27.38
C GLN A 333 -0.53 20.43 -27.33
N LYS A 334 0.71 20.86 -27.56
CA LYS A 334 1.87 19.96 -27.49
C LYS A 334 2.96 20.69 -26.72
N PHE A 335 3.22 20.25 -25.49
CA PHE A 335 4.33 20.77 -24.71
C PHE A 335 5.58 19.96 -25.07
N TYR A 336 6.68 20.67 -25.35
CA TYR A 336 7.85 20.01 -25.92
C TYR A 336 9.07 20.89 -25.67
N SER A 337 10.25 20.29 -25.88
CA SER A 337 11.51 21.00 -25.76
C SER A 337 12.36 20.71 -26.99
N TYR A 338 13.22 21.68 -27.34
CA TYR A 338 14.05 21.57 -28.53
C TYR A 338 15.44 22.10 -28.22
N HIS A 339 16.42 21.53 -28.92
CA HIS A 339 17.82 21.93 -28.80
C HIS A 339 18.26 22.67 -30.06
N SER A 340 19.21 23.59 -29.89
CA SER A 340 19.82 24.24 -31.04
C SER A 340 20.56 23.21 -31.88
N LYS A 341 20.48 23.37 -33.20
CA LYS A 341 21.21 22.50 -34.12
C LYS A 341 22.68 22.86 -34.22
N GLY A 342 23.13 23.90 -33.51
CA GLY A 342 24.50 24.36 -33.60
C GLY A 342 24.57 25.87 -33.68
N ASP A 343 23.73 26.45 -34.51
CA ASP A 343 23.65 27.90 -34.66
C ASP A 343 22.59 28.43 -33.70
N ASN A 344 23.05 28.93 -32.55
CA ASN A 344 22.12 29.49 -31.56
C ASN A 344 21.39 30.71 -32.09
N THR A 345 22.05 31.50 -32.95
CA THR A 345 21.41 32.70 -33.48
C THR A 345 20.25 32.33 -34.39
N HIS A 346 20.44 31.36 -35.29
CA HIS A 346 19.35 30.90 -36.13
C HIS A 346 18.27 30.21 -35.30
N PHE A 347 18.69 29.47 -34.27
CA PHE A 347 17.73 28.84 -33.36
C PHE A 347 16.81 29.88 -32.74
N PHE A 348 17.40 30.91 -32.11
CA PHE A 348 16.58 31.91 -31.42
C PHE A 348 15.72 32.69 -32.41
N ASN A 349 16.28 33.10 -33.55
CA ASN A 349 15.52 33.93 -34.47
C ASN A 349 14.39 33.14 -35.13
N THR A 350 14.59 31.85 -35.36
CA THR A 350 13.49 31.02 -35.85
C THR A 350 12.40 30.89 -34.79
N ILE A 351 12.80 30.73 -33.53
CA ILE A 351 11.84 30.65 -32.43
C ILE A 351 11.07 31.95 -32.31
N LEU A 352 11.79 33.07 -32.20
CA LEU A 352 11.15 34.37 -32.04
C LEU A 352 10.18 34.65 -33.18
N LYS A 353 10.55 34.24 -34.40
CA LYS A 353 9.65 34.38 -35.53
C LYS A 353 8.36 33.60 -35.33
N TYR A 354 8.47 32.35 -34.86
CA TYR A 354 7.28 31.51 -34.72
C TYR A 354 6.42 31.93 -33.52
N VAL A 355 7.04 32.50 -32.49
CA VAL A 355 6.25 33.02 -31.37
C VAL A 355 5.38 34.18 -31.82
N LYS A 356 5.90 35.03 -32.71
CA LYS A 356 5.12 36.15 -33.22
C LYS A 356 3.99 35.70 -34.13
N GLU A 357 4.06 34.48 -34.68
CA GLU A 357 2.99 33.98 -35.53
C GLU A 357 1.75 33.56 -34.74
N GLY A 358 1.86 33.44 -33.41
CA GLY A 358 0.71 33.36 -32.53
C GLY A 358 0.40 31.99 -31.97
N SER A 359 0.88 30.91 -32.60
CA SER A 359 0.51 29.56 -32.20
C SER A 359 1.64 28.83 -31.47
N LEU A 360 2.60 29.57 -30.90
CA LEU A 360 3.74 28.97 -30.21
C LEU A 360 3.96 29.74 -28.91
N TYR A 361 3.70 29.08 -27.79
CA TYR A 361 3.76 29.75 -26.49
C TYR A 361 5.10 29.46 -25.83
N PRO A 362 5.98 30.46 -25.66
CA PRO A 362 7.28 30.20 -25.04
C PRO A 362 7.17 30.04 -23.53
N LEU A 363 7.90 29.07 -22.99
CA LEU A 363 7.93 28.81 -21.56
C LEU A 363 9.29 29.01 -20.92
N SER A 364 10.36 28.54 -21.56
CA SER A 364 11.69 28.67 -21.00
C SER A 364 12.71 28.71 -22.12
N TYR A 365 13.84 29.38 -21.87
CA TYR A 365 14.93 29.48 -22.84
C TYR A 365 16.25 29.45 -22.10
N TYR A 366 17.10 28.49 -22.46
CA TYR A 366 18.47 28.38 -21.97
C TYR A 366 19.40 28.90 -23.07
N ASP A 367 20.03 30.04 -22.82
CA ASP A 367 20.81 30.75 -23.84
C ASP A 367 22.23 30.17 -23.85
N GLY A 368 22.48 29.27 -24.80
CA GLY A 368 23.82 28.71 -24.95
C GLY A 368 24.89 29.74 -25.25
N ASP A 369 24.51 30.88 -25.82
CA ASP A 369 25.49 31.92 -26.08
C ASP A 369 25.93 32.65 -24.81
N TRP A 370 25.33 32.33 -23.66
CA TRP A 370 25.91 32.77 -22.40
C TRP A 370 27.32 32.24 -22.22
N TYR A 371 27.62 31.08 -22.81
CA TYR A 371 28.94 30.48 -22.75
C TYR A 371 29.85 30.90 -23.90
N GLY A 372 29.40 31.80 -24.76
CA GLY A 372 30.13 32.15 -25.95
C GLY A 372 29.36 31.75 -27.21
N GLU A 373 29.89 32.22 -28.34
CA GLU A 373 29.21 32.01 -29.61
C GLU A 373 29.16 30.53 -29.96
N ASP A 374 27.97 29.94 -29.84
CA ASP A 374 27.71 28.56 -30.25
C ASP A 374 28.61 27.56 -29.52
N LYS A 375 29.03 27.89 -28.29
CA LYS A 375 29.84 26.94 -27.53
C LYS A 375 28.98 25.92 -26.82
N VAL A 376 27.73 26.26 -26.51
CA VAL A 376 26.79 25.38 -25.84
C VAL A 376 25.46 25.49 -26.57
N LYS A 377 24.74 24.37 -26.68
CA LYS A 377 23.48 24.34 -27.38
C LYS A 377 22.40 25.10 -26.60
N SER A 378 21.70 26.00 -27.27
CA SER A 378 20.55 26.66 -26.67
C SER A 378 19.39 25.67 -26.58
N ARG A 379 18.51 25.90 -25.60
CA ARG A 379 17.38 25.00 -25.36
C ARG A 379 16.11 25.83 -25.13
N PHE A 380 14.99 25.28 -25.59
CA PHE A 380 13.73 26.01 -25.65
C PHE A 380 12.60 25.09 -25.25
N GLY A 381 11.83 25.49 -24.24
CA GLY A 381 10.63 24.79 -23.83
C GLY A 381 9.40 25.61 -24.15
N CYS A 382 8.39 24.95 -24.72
CA CYS A 382 7.28 25.67 -25.32
C CYS A 382 6.06 24.78 -25.38
N ILE A 383 4.92 25.41 -25.72
CA ILE A 383 3.68 24.70 -25.99
C ILE A 383 3.19 25.16 -27.37
N TRP A 384 3.13 24.21 -28.31
CA TRP A 384 2.40 24.47 -29.54
C TRP A 384 0.91 24.38 -29.26
N HIS A 385 0.14 25.33 -29.76
CA HIS A 385 -1.31 25.32 -29.51
C HIS A 385 -2.04 25.88 -30.71
N GLY A 386 -3.04 25.13 -31.18
CA GLY A 386 -3.84 25.54 -32.33
C GLY A 386 -5.14 24.77 -32.34
N ASP A 387 -5.94 25.05 -33.37
CA ASP A 387 -7.31 24.52 -33.41
C ASP A 387 -7.31 23.02 -33.67
N SER A 388 -6.47 22.53 -34.56
CA SER A 388 -6.46 21.12 -34.91
C SER A 388 -5.06 20.54 -34.74
N LYS A 389 -5.00 19.25 -34.41
CA LYS A 389 -3.72 18.57 -34.25
C LYS A 389 -2.93 18.59 -35.55
N GLU A 390 -3.59 18.33 -36.68
CA GLU A 390 -2.90 18.31 -37.97
C GLU A 390 -2.25 19.66 -38.27
N THR A 391 -2.95 20.75 -37.98
CA THR A 391 -2.39 22.08 -38.23
C THR A 391 -1.23 22.38 -37.29
N VAL A 392 -1.34 21.96 -36.04
CA VAL A 392 -0.25 22.19 -35.08
C VAL A 392 1.00 21.42 -35.47
N LEU A 393 0.84 20.13 -35.81
CA LEU A 393 2.00 19.32 -36.16
C LEU A 393 2.65 19.80 -37.45
N GLU A 394 1.86 20.32 -38.39
CA GLU A 394 2.44 20.93 -39.58
C GLU A 394 3.24 22.17 -39.22
N ASN A 395 2.77 22.93 -38.24
CA ASN A 395 3.51 24.11 -37.78
C ASN A 395 4.83 23.72 -37.14
N GLU A 396 4.81 22.70 -36.27
CA GLU A 396 6.04 22.19 -35.68
C GLU A 396 6.98 21.63 -36.74
N ARG A 397 6.44 20.88 -37.71
CA ARG A 397 7.27 20.29 -38.75
C ARG A 397 7.93 21.34 -39.61
N ALA A 398 7.26 22.47 -39.84
CA ALA A 398 7.86 23.56 -40.61
C ALA A 398 8.91 24.30 -39.80
N PHE A 399 8.68 24.44 -38.49
CA PHE A 399 9.68 25.02 -37.61
C PHE A 399 10.96 24.18 -37.59
N LEU A 400 10.80 22.85 -37.54
CA LEU A 400 11.95 21.96 -37.53
C LEU A 400 12.68 21.97 -38.86
N ALA A 401 11.96 22.16 -39.97
CA ALA A 401 12.61 22.20 -41.28
C ALA A 401 13.46 23.46 -41.43
N GLU A 402 12.99 24.60 -40.90
CA GLU A 402 13.79 25.82 -40.98
C GLU A 402 15.06 25.71 -40.14
N LEU A 403 15.04 24.92 -39.08
CA LEU A 403 16.24 24.63 -38.31
C LEU A 403 17.16 23.63 -39.01
N GLU A 404 16.74 23.08 -40.16
CA GLU A 404 17.47 22.04 -40.89
C GLU A 404 17.63 20.80 -40.03
N ASN B 18 0.30 -12.54 33.57
CA ASN B 18 0.38 -12.07 32.20
C ASN B 18 -0.70 -11.03 31.90
N LEU B 19 -0.86 -10.70 30.63
CA LEU B 19 -1.91 -9.80 30.19
C LEU B 19 -3.25 -10.54 30.12
N THR B 20 -4.32 -9.79 30.37
CA THR B 20 -5.68 -10.23 30.10
C THR B 20 -6.36 -9.17 29.24
N LEU B 21 -7.43 -9.58 28.54
CA LEU B 21 -8.07 -8.67 27.60
C LEU B 21 -8.63 -7.43 28.29
N SER B 22 -9.09 -7.57 29.54
CA SER B 22 -9.63 -6.42 30.24
C SER B 22 -8.56 -5.38 30.55
N ASP B 23 -7.27 -5.74 30.45
CA ASP B 23 -6.21 -4.76 30.58
C ASP B 23 -6.11 -3.84 29.37
N LEU B 24 -6.80 -4.15 28.27
CA LEU B 24 -6.65 -3.42 27.02
C LEU B 24 -7.91 -2.73 26.55
N TYR B 25 -9.07 -3.00 27.16
CA TYR B 25 -10.33 -2.41 26.72
C TYR B 25 -11.04 -1.78 27.92
N ASP B 26 -11.82 -0.74 27.65
CA ASP B 26 -12.45 0.03 28.71
C ASP B 26 -13.52 -0.81 29.41
N LYS B 27 -14.01 -0.27 30.54
CA LYS B 27 -14.97 -1.00 31.37
C LYS B 27 -16.32 -1.16 30.68
N ASP B 28 -16.67 -0.26 29.76
CA ASP B 28 -17.98 -0.29 29.12
C ASP B 28 -18.00 -1.16 27.86
N VAL B 29 -16.96 -1.95 27.62
CA VAL B 29 -16.83 -2.74 26.40
C VAL B 29 -17.35 -4.15 26.63
N VAL B 30 -18.13 -4.66 25.68
CA VAL B 30 -18.56 -6.06 25.64
C VAL B 30 -18.04 -6.68 24.35
N TYR B 31 -17.57 -7.91 24.44
CA TYR B 31 -16.80 -8.58 23.38
C TYR B 31 -17.63 -9.68 22.73
N THR B 32 -17.62 -9.72 21.40
CA THR B 32 -18.17 -10.85 20.66
C THR B 32 -17.16 -11.31 19.62
N SER B 33 -16.82 -12.60 19.66
CA SER B 33 -15.94 -13.20 18.68
C SER B 33 -16.70 -14.02 17.65
N ARG B 34 -18.02 -13.81 17.53
CA ARG B 34 -18.80 -14.60 16.59
C ARG B 34 -18.82 -13.93 15.22
N PRO B 35 -18.60 -14.68 14.14
CA PRO B 35 -18.96 -14.17 12.82
C PRO B 35 -20.44 -13.84 12.79
N SER B 36 -20.78 -12.84 11.97
CA SER B 36 -22.18 -12.45 11.84
C SER B 36 -22.99 -13.59 11.22
N TYR B 37 -24.25 -13.70 11.64
CA TYR B 37 -25.17 -14.65 11.03
C TYR B 37 -25.43 -14.32 9.58
N ILE B 38 -25.28 -13.05 9.20
CA ILE B 38 -25.59 -12.64 7.84
C ILE B 38 -24.50 -13.12 6.91
N SER B 39 -24.89 -13.74 5.81
CA SER B 39 -23.94 -14.45 4.96
C SER B 39 -22.94 -13.49 4.31
N ASN B 40 -21.73 -13.99 4.13
CA ASN B 40 -20.65 -13.31 3.42
C ASN B 40 -19.84 -14.41 2.75
N PRO B 41 -19.67 -14.37 1.42
CA PRO B 41 -19.05 -15.51 0.71
C PRO B 41 -17.65 -15.85 1.18
N TRP B 42 -16.94 -14.90 1.78
CA TRP B 42 -15.55 -15.11 2.18
C TRP B 42 -15.41 -15.37 3.68
N LEU B 43 -16.52 -15.44 4.42
CA LEU B 43 -16.51 -15.82 5.83
C LEU B 43 -17.88 -16.46 6.12
N LYS B 44 -18.04 -17.72 5.70
CA LYS B 44 -19.26 -18.48 5.94
C LYS B 44 -18.89 -19.82 6.57
N PRO B 45 -18.43 -19.82 7.81
CA PRO B 45 -18.20 -21.09 8.52
C PRO B 45 -19.52 -21.79 8.77
N ASP B 46 -19.42 -23.06 9.15
CA ASP B 46 -20.58 -23.76 9.67
C ASP B 46 -21.15 -22.97 10.84
N GLU B 47 -22.49 -22.91 10.92
CA GLU B 47 -23.13 -22.18 12.02
C GLU B 47 -22.62 -22.68 13.37
N HIS B 48 -22.34 -23.98 13.49
CA HIS B 48 -21.83 -24.52 14.74
C HIS B 48 -20.39 -24.08 15.00
N GLN B 49 -19.59 -23.92 13.94
CA GLN B 49 -18.24 -23.38 14.12
C GLN B 49 -18.29 -21.95 14.61
N SER B 50 -19.16 -21.13 14.02
CA SER B 50 -19.32 -19.75 14.49
C SER B 50 -19.72 -19.70 15.96
N ASN B 51 -20.65 -20.56 16.38
CA ASN B 51 -21.03 -20.59 17.79
C ASN B 51 -19.88 -21.08 18.66
N PHE B 52 -19.19 -22.13 18.21
CA PHE B 52 -18.05 -22.67 18.96
C PHE B 52 -16.97 -21.62 19.17
N LEU B 53 -16.82 -20.68 18.24
CA LEU B 53 -15.82 -19.63 18.38
C LEU B 53 -16.21 -18.59 19.45
N THR B 54 -17.48 -18.51 19.85
CA THR B 54 -17.88 -17.47 20.80
C THR B 54 -17.21 -17.63 22.15
N GLY B 55 -16.75 -18.83 22.50
CA GLY B 55 -16.12 -19.07 23.79
C GLY B 55 -14.61 -19.18 23.77
N ARG B 56 -13.96 -18.93 22.64
CA ARG B 56 -12.53 -19.22 22.52
C ARG B 56 -11.69 -18.38 23.49
N GLU B 57 -12.07 -17.12 23.70
CA GLU B 57 -11.26 -16.21 24.50
C GLU B 57 -11.75 -16.06 25.94
N LEU B 58 -12.59 -16.99 26.42
CA LEU B 58 -13.16 -16.83 27.76
C LEU B 58 -12.08 -16.80 28.84
N LEU B 59 -11.06 -17.66 28.71
CA LEU B 59 -10.06 -17.77 29.77
C LEU B 59 -9.09 -16.61 29.81
N ILE B 60 -9.02 -15.80 28.76
CA ILE B 60 -8.16 -14.63 28.73
C ILE B 60 -8.94 -13.33 28.83
N ALA B 61 -10.27 -13.39 28.84
CA ALA B 61 -11.08 -12.17 28.85
C ALA B 61 -11.03 -11.48 30.21
N ASN B 62 -10.98 -12.25 31.29
CA ASN B 62 -10.96 -11.73 32.65
C ASN B 62 -12.19 -10.87 32.93
N GLN B 63 -11.99 -9.57 33.13
CA GLN B 63 -13.10 -8.67 33.45
C GLN B 63 -13.86 -8.22 32.21
N LEU B 64 -13.45 -8.64 31.02
CA LEU B 64 -14.17 -8.26 29.80
C LEU B 64 -15.36 -9.19 29.60
N PRO B 65 -16.60 -8.67 29.58
CA PRO B 65 -17.75 -9.54 29.32
C PRO B 65 -17.74 -10.04 27.89
N VAL B 66 -18.20 -11.28 27.71
CA VAL B 66 -18.15 -11.95 26.42
C VAL B 66 -19.56 -12.46 26.08
N ILE B 67 -19.94 -12.28 24.82
CA ILE B 67 -21.21 -12.80 24.30
C ILE B 67 -20.98 -14.23 23.82
N VAL B 68 -21.61 -15.20 24.47
CA VAL B 68 -21.31 -16.62 24.29
C VAL B 68 -22.59 -17.35 23.93
N HIS B 69 -22.50 -18.31 23.00
CA HIS B 69 -23.64 -19.15 22.68
C HIS B 69 -24.02 -20.03 23.87
N GLU B 70 -25.31 -20.31 23.99
CA GLU B 70 -25.82 -21.11 25.10
C GLU B 70 -25.05 -22.43 25.24
N ALA B 71 -24.87 -23.14 24.13
CA ALA B 71 -24.19 -24.43 24.13
C ALA B 71 -22.69 -24.31 24.41
N SER B 72 -22.14 -23.11 24.34
CA SER B 72 -20.71 -22.92 24.62
C SER B 72 -20.41 -22.67 26.08
N ALA B 73 -21.44 -22.61 26.94
CA ALA B 73 -21.24 -22.36 28.36
C ALA B 73 -22.16 -23.28 29.18
N THR B 74 -22.19 -24.55 28.83
CA THR B 74 -23.02 -25.50 29.57
C THR B 74 -22.24 -26.05 30.76
N ASP B 75 -22.87 -26.98 31.47
CA ASP B 75 -22.22 -27.64 32.60
C ASP B 75 -20.97 -28.40 32.17
N LYS B 76 -20.93 -28.86 30.91
CA LYS B 76 -19.75 -29.57 30.42
C LYS B 76 -18.52 -28.67 30.43
N LEU B 77 -18.69 -27.39 30.15
CA LEU B 77 -17.57 -26.45 30.22
C LEU B 77 -17.15 -26.19 31.65
N HIS B 78 -18.13 -26.11 32.57
CA HIS B 78 -17.80 -25.92 33.98
C HIS B 78 -16.97 -27.07 34.52
N GLN B 79 -17.32 -28.31 34.15
CA GLN B 79 -16.54 -29.47 34.59
C GLN B 79 -15.11 -29.38 34.08
N LEU B 80 -14.92 -29.03 32.80
CA LEU B 80 -13.58 -28.99 32.24
C LEU B 80 -12.74 -27.89 32.89
N PHE B 81 -13.32 -26.71 33.10
CA PHE B 81 -12.58 -25.64 33.75
C PHE B 81 -12.27 -25.96 35.21
N GLN B 82 -13.18 -26.68 35.89
CA GLN B 82 -12.94 -27.02 37.28
C GLN B 82 -11.73 -27.93 37.44
N VAL B 83 -11.47 -28.80 36.46
CA VAL B 83 -10.34 -29.71 36.53
C VAL B 83 -9.02 -28.94 36.57
N ILE B 84 -8.95 -27.84 35.82
CA ILE B 84 -7.73 -27.02 35.78
C ILE B 84 -7.79 -25.87 36.78
N GLY B 85 -8.82 -25.83 37.62
CA GLY B 85 -8.89 -24.83 38.65
C GLY B 85 -9.41 -23.49 38.21
N LYS B 86 -10.17 -23.43 37.11
CA LYS B 86 -10.72 -22.19 36.57
C LYS B 86 -12.22 -22.18 36.73
N GLU B 87 -12.82 -21.04 36.39
CA GLU B 87 -14.26 -20.84 36.49
C GLU B 87 -14.75 -20.13 35.24
N VAL B 88 -15.94 -20.52 34.79
CA VAL B 88 -16.63 -19.80 33.72
C VAL B 88 -16.89 -18.39 34.24
N PRO B 89 -16.40 -17.35 33.57
CA PRO B 89 -16.62 -15.99 34.06
C PRO B 89 -18.11 -15.69 34.18
N ASN B 90 -18.51 -15.13 35.33
CA ASN B 90 -19.90 -14.76 35.50
C ASN B 90 -20.32 -13.63 34.58
N SER B 91 -19.36 -12.91 34.01
CA SER B 91 -19.64 -11.81 33.08
C SER B 91 -19.70 -12.35 31.66
N ILE B 92 -20.76 -13.10 31.38
CA ILE B 92 -21.06 -13.57 30.04
C ILE B 92 -22.53 -13.31 29.76
N TYR B 93 -22.83 -12.96 28.51
CA TYR B 93 -24.19 -12.87 28.02
C TYR B 93 -24.41 -14.01 27.04
N THR B 94 -25.51 -14.74 27.20
CA THR B 94 -25.76 -15.88 26.34
C THR B 94 -26.82 -15.54 25.28
N PHE B 95 -26.76 -16.28 24.18
CA PHE B 95 -27.75 -16.18 23.11
C PHE B 95 -28.01 -17.58 22.57
N ASN B 96 -29.18 -17.75 21.95
CA ASN B 96 -29.59 -19.05 21.44
C ASN B 96 -29.75 -19.12 19.94
N ASN B 97 -29.92 -17.98 19.25
CA ASN B 97 -30.08 -17.96 17.81
C ASN B 97 -29.72 -16.56 17.31
N GLN B 98 -29.98 -16.31 16.02
CA GLN B 98 -29.64 -15.02 15.42
C GLN B 98 -30.45 -13.90 16.04
N GLN B 99 -31.77 -14.10 16.17
CA GLN B 99 -32.63 -13.04 16.70
C GLN B 99 -32.19 -12.60 18.09
N SER B 100 -31.85 -13.56 18.97
CA SER B 100 -31.46 -13.18 20.32
C SER B 100 -30.05 -12.61 20.35
N TYR B 101 -29.19 -13.09 19.45
CA TYR B 101 -27.84 -12.53 19.32
C TYR B 101 -27.90 -11.06 18.93
N GLU B 102 -28.67 -10.73 17.89
CA GLU B 102 -28.72 -9.35 17.43
C GLU B 102 -29.53 -8.47 18.37
N ASN B 103 -30.58 -9.01 19.00
CA ASN B 103 -31.30 -8.24 20.02
C ASN B 103 -30.42 -7.97 21.23
N LEU B 104 -29.54 -8.90 21.58
CA LEU B 104 -28.63 -8.68 22.69
C LEU B 104 -27.65 -7.55 22.39
N ILE B 105 -27.08 -7.55 21.19
CA ILE B 105 -26.12 -6.51 20.79
C ILE B 105 -26.78 -5.15 20.86
N LYS B 106 -27.99 -5.02 20.32
CA LYS B 106 -28.71 -3.75 20.38
C LYS B 106 -29.06 -3.36 21.81
N GLN B 107 -29.45 -4.34 22.63
CA GLN B 107 -29.79 -4.07 24.03
C GLN B 107 -28.59 -3.51 24.78
N LEU B 108 -27.43 -4.14 24.63
CA LEU B 108 -26.22 -3.68 25.31
C LEU B 108 -25.87 -2.26 24.90
N ALA B 109 -25.93 -1.96 23.61
CA ALA B 109 -25.47 -0.68 23.11
C ALA B 109 -26.53 0.41 23.30
N HIS B 110 -27.80 0.10 23.03
CA HIS B 110 -28.83 1.13 23.07
C HIS B 110 -29.39 1.35 24.46
N LYS B 111 -29.47 0.31 25.28
CA LYS B 111 -30.11 0.39 26.59
C LYS B 111 -29.12 0.39 27.75
N GLU B 112 -28.04 -0.38 27.66
CA GLU B 112 -27.15 -0.57 28.80
C GLU B 112 -25.85 0.22 28.69
N ASN B 113 -25.77 1.14 27.73
CA ASN B 113 -24.65 2.08 27.64
C ASN B 113 -23.32 1.36 27.41
N LYS B 114 -23.35 0.30 26.60
CA LYS B 114 -22.15 -0.48 26.32
C LYS B 114 -21.61 -0.16 24.93
N LYS B 115 -20.31 -0.36 24.78
CA LYS B 115 -19.63 -0.36 23.48
C LYS B 115 -19.24 -1.79 23.12
N ILE B 116 -19.42 -2.17 21.87
CA ILE B 116 -19.25 -3.55 21.42
C ILE B 116 -17.96 -3.65 20.62
N TYR B 117 -17.14 -4.64 20.97
CA TYR B 117 -15.95 -4.99 20.17
C TYR B 117 -16.28 -6.23 19.36
N PHE B 118 -16.11 -6.13 18.05
CA PHE B 118 -16.34 -7.23 17.12
C PHE B 118 -15.00 -7.75 16.60
N GLN B 119 -14.77 -9.06 16.75
CA GLN B 119 -13.67 -9.68 16.00
C GLN B 119 -13.88 -9.50 14.50
N TYR B 120 -15.11 -9.71 14.04
CA TYR B 120 -15.48 -9.59 12.63
C TYR B 120 -16.62 -8.59 12.54
N ILE B 121 -16.45 -7.56 11.71
CA ILE B 121 -17.44 -6.49 11.67
C ILE B 121 -18.79 -7.06 11.23
N HIS B 122 -19.85 -6.47 11.78
CA HIS B 122 -21.23 -6.72 11.37
C HIS B 122 -21.73 -5.47 10.66
N ASP B 123 -22.74 -5.65 9.80
CA ASP B 123 -23.20 -4.52 9.01
C ASP B 123 -23.98 -3.54 9.89
N GLU B 124 -24.26 -2.37 9.32
CA GLU B 124 -24.81 -1.26 10.10
C GLU B 124 -26.25 -1.49 10.53
N THR B 125 -26.98 -2.41 9.90
CA THR B 125 -28.34 -2.68 10.35
C THR B 125 -28.35 -3.39 11.70
N ILE B 126 -27.28 -4.12 12.02
CA ILE B 126 -27.20 -4.79 13.31
C ILE B 126 -26.82 -3.81 14.41
N LEU B 127 -25.84 -2.96 14.15
CA LEU B 127 -25.39 -1.98 15.14
C LEU B 127 -24.72 -0.82 14.43
N ASN B 128 -25.13 0.40 14.76
CA ASN B 128 -24.53 1.58 14.16
C ASN B 128 -23.07 1.73 14.60
N GLN B 129 -22.25 2.29 13.71
CA GLN B 129 -20.81 2.38 13.96
C GLN B 129 -20.48 3.19 15.21
N GLN B 130 -21.37 4.08 15.65
CA GLN B 130 -21.10 4.90 16.83
C GLN B 130 -20.93 4.07 18.09
N TYR B 131 -21.47 2.85 18.12
CA TYR B 131 -21.41 2.01 19.30
C TYR B 131 -20.25 1.02 19.28
N TYR B 132 -19.39 1.07 18.25
CA TYR B 132 -18.23 0.21 18.21
C TYR B 132 -17.18 0.65 19.23
N ALA B 133 -16.57 -0.32 19.91
CA ALA B 133 -15.55 0.00 20.90
C ALA B 133 -14.29 0.55 20.25
N LEU B 134 -13.95 0.07 19.05
CA LEU B 134 -12.85 0.59 18.26
C LEU B 134 -13.41 1.13 16.95
N ASP B 135 -12.91 2.29 16.53
CA ASP B 135 -13.42 2.99 15.35
C ASP B 135 -13.57 2.05 14.17
N LYS B 136 -14.79 1.96 13.65
CA LYS B 136 -15.10 0.92 12.66
C LYS B 136 -14.34 1.15 11.36
N THR B 137 -14.30 2.39 10.88
CA THR B 137 -13.57 2.68 9.64
C THR B 137 -12.10 2.27 9.77
N LEU B 138 -11.46 2.68 10.86
CA LEU B 138 -10.08 2.26 11.10
C LEU B 138 -9.97 0.74 11.19
N PHE B 139 -10.89 0.12 11.94
CA PHE B 139 -10.83 -1.32 12.14
C PHE B 139 -10.93 -2.07 10.81
N VAL B 140 -11.85 -1.65 9.94
CA VAL B 140 -11.98 -2.29 8.63
C VAL B 140 -10.73 -2.06 7.79
N ALA B 141 -10.17 -0.86 7.84
CA ALA B 141 -8.99 -0.56 7.03
C ALA B 141 -7.78 -1.38 7.48
N LEU B 142 -7.57 -1.48 8.81
CA LEU B 142 -6.44 -2.25 9.32
C LEU B 142 -6.53 -3.71 8.91
N ASN B 143 -7.74 -4.24 8.83
CA ASN B 143 -7.95 -5.66 8.54
C ASN B 143 -8.25 -5.91 7.06
N ASN B 144 -8.17 -4.88 6.22
CA ASN B 144 -8.34 -5.03 4.78
C ASN B 144 -7.04 -5.57 4.19
N LYS B 145 -7.13 -6.75 3.56
CA LYS B 145 -5.92 -7.41 3.07
C LYS B 145 -5.32 -6.69 1.86
N ALA B 146 -6.15 -5.98 1.08
CA ALA B 146 -5.60 -5.23 -0.04
C ALA B 146 -4.77 -4.05 0.43
N ARG B 147 -5.05 -3.53 1.62
CA ARG B 147 -4.36 -2.37 2.15
C ARG B 147 -3.15 -2.73 2.99
N ILE B 148 -2.73 -4.00 2.98
CA ILE B 148 -1.51 -4.44 3.67
C ILE B 148 -0.30 -3.58 3.31
N PRO B 149 -0.07 -3.22 2.03
CA PRO B 149 1.07 -2.35 1.72
C PRO B 149 1.05 -1.04 2.48
N GLU B 150 -0.14 -0.52 2.81
CA GLU B 150 -0.22 0.69 3.62
C GLU B 150 0.36 0.46 5.01
N TRP B 151 0.09 -0.70 5.62
CA TRP B 151 0.55 -0.99 6.96
C TRP B 151 1.96 -1.52 7.03
N THR B 152 2.53 -1.96 5.90
CA THR B 152 3.92 -2.37 5.84
C THR B 152 4.82 -1.33 5.18
N ASN B 153 4.28 -0.15 4.83
CA ASN B 153 5.02 0.86 4.08
C ASN B 153 5.61 0.29 2.80
N GLY B 154 4.87 -0.64 2.18
CA GLY B 154 5.26 -1.25 0.92
C GLY B 154 6.23 -2.40 1.03
N LYS B 155 6.66 -2.79 2.23
CA LYS B 155 7.62 -3.87 2.39
C LYS B 155 6.91 -5.22 2.55
N PHE B 156 7.71 -6.29 2.50
CA PHE B 156 7.24 -7.64 2.82
C PHE B 156 6.13 -8.13 1.89
N LEU B 157 6.13 -7.65 0.65
CA LEU B 157 5.03 -8.02 -0.23
C LEU B 157 5.47 -9.07 -1.22
N PRO B 158 4.73 -10.17 -1.36
CA PRO B 158 5.01 -11.10 -2.45
C PRO B 158 4.64 -10.48 -3.79
N LYS B 159 5.04 -11.16 -4.87
CA LYS B 159 4.60 -10.78 -6.20
C LYS B 159 3.08 -10.81 -6.26
N ARG B 160 2.47 -9.71 -6.68
CA ARG B 160 1.04 -9.55 -6.49
C ARG B 160 0.45 -8.61 -7.53
N LYS B 161 -0.86 -8.74 -7.70
CA LYS B 161 -1.65 -7.77 -8.46
C LYS B 161 -3.07 -7.77 -7.91
N VAL B 162 -3.66 -6.58 -7.80
CA VAL B 162 -5.03 -6.39 -7.33
C VAL B 162 -5.87 -5.96 -8.52
N VAL B 163 -6.86 -6.78 -8.89
CA VAL B 163 -7.63 -6.59 -10.12
C VAL B 163 -9.11 -6.55 -9.79
N LYS B 164 -9.87 -5.87 -10.65
CA LYS B 164 -11.32 -5.90 -10.54
C LYS B 164 -11.85 -7.28 -10.89
N ILE B 165 -13.01 -7.61 -10.33
CA ILE B 165 -13.58 -8.94 -10.52
C ILE B 165 -13.97 -9.18 -11.98
N GLU B 166 -14.35 -8.12 -12.70
CA GLU B 166 -14.72 -8.29 -14.11
C GLU B 166 -13.53 -8.76 -14.94
N GLN B 167 -12.35 -8.21 -14.67
CA GLN B 167 -11.15 -8.53 -15.43
C GLN B 167 -10.37 -9.70 -14.85
N PHE B 168 -10.96 -10.46 -13.92
CA PHE B 168 -10.20 -11.51 -13.26
C PHE B 168 -9.86 -12.65 -14.22
N GLU B 169 -10.88 -13.21 -14.88
CA GLU B 169 -10.65 -14.32 -15.79
C GLU B 169 -9.64 -13.96 -16.88
N ASN B 170 -9.66 -12.69 -17.31
CA ASN B 170 -8.64 -12.21 -18.24
C ASN B 170 -7.27 -12.18 -17.58
N GLU B 171 -7.22 -11.85 -16.29
CA GLU B 171 -5.95 -11.56 -15.62
C GLU B 171 -5.22 -12.82 -15.18
N ILE B 172 -5.95 -13.80 -14.64
CA ILE B 172 -5.33 -14.98 -14.05
C ILE B 172 -4.53 -15.81 -15.06
N LYS B 173 -4.72 -15.56 -16.36
CA LYS B 173 -3.97 -16.30 -17.37
C LYS B 173 -2.48 -16.03 -17.30
N ASN B 174 -2.08 -14.80 -16.97
CA ASN B 174 -0.67 -14.39 -16.92
C ASN B 174 0.06 -14.91 -15.68
N TRP B 175 -0.49 -15.89 -14.97
CA TRP B 175 0.08 -16.36 -13.72
C TRP B 175 0.39 -17.84 -13.79
N GLU B 176 1.57 -18.21 -13.27
CA GLU B 176 1.95 -19.60 -13.14
C GLU B 176 1.55 -20.13 -11.77
N PHE B 177 1.39 -21.45 -11.68
CA PHE B 177 1.08 -22.06 -10.40
C PHE B 177 2.37 -22.33 -9.63
N PRO B 178 2.33 -22.30 -8.29
CA PRO B 178 1.14 -22.08 -7.45
C PRO B 178 0.87 -20.61 -7.18
N LEU B 179 -0.41 -20.25 -7.06
CA LEU B 179 -0.82 -18.90 -6.77
C LEU B 179 -1.87 -18.93 -5.66
N VAL B 180 -2.19 -17.74 -5.14
CA VAL B 180 -3.22 -17.57 -4.13
C VAL B 180 -4.13 -16.43 -4.55
N ILE B 181 -5.42 -16.62 -4.39
CA ILE B 181 -6.42 -15.58 -4.68
C ILE B 181 -7.17 -15.27 -3.40
N LYS B 182 -7.38 -13.99 -3.13
CA LYS B 182 -8.08 -13.50 -1.95
C LYS B 182 -8.95 -12.31 -2.35
N PRO B 183 -10.10 -12.15 -1.71
CA PRO B 183 -10.91 -10.95 -1.97
C PRO B 183 -10.21 -9.70 -1.49
N GLY B 184 -10.37 -8.61 -2.22
CA GLY B 184 -9.65 -7.39 -1.92
C GLY B 184 -10.53 -6.23 -1.51
N ASP B 185 -11.67 -6.52 -0.87
CA ASP B 185 -12.58 -5.48 -0.44
C ASP B 185 -12.61 -5.40 1.08
N ASP B 186 -13.70 -4.88 1.64
CA ASP B 186 -13.81 -4.58 3.06
C ASP B 186 -14.55 -5.64 3.87
N LEU B 187 -14.83 -6.80 3.28
CA LEU B 187 -15.56 -7.83 4.01
C LEU B 187 -14.62 -8.57 4.97
N PRO B 188 -15.14 -8.99 6.13
CA PRO B 188 -14.29 -9.73 7.07
C PRO B 188 -14.04 -11.15 6.59
N THR B 189 -12.88 -11.67 6.95
CA THR B 189 -12.52 -13.04 6.63
C THR B 189 -11.50 -13.53 7.65
N ALA B 190 -11.36 -14.85 7.74
CA ALA B 190 -10.52 -15.46 8.76
C ALA B 190 -10.47 -16.96 8.54
N GLY B 191 -9.50 -17.61 9.18
CA GLY B 191 -9.48 -19.05 9.29
C GLY B 191 -9.37 -19.82 7.98
N GLY B 192 -8.99 -19.15 6.91
CA GLY B 192 -8.89 -19.81 5.62
C GLY B 192 -10.18 -19.87 4.83
N TYR B 193 -11.26 -19.27 5.34
CA TYR B 193 -12.55 -19.30 4.68
C TYR B 193 -12.63 -18.39 3.47
N GLY B 194 -11.65 -17.51 3.28
CA GLY B 194 -11.65 -16.62 2.13
C GLY B 194 -10.33 -16.62 1.38
N VAL B 195 -9.71 -17.80 1.28
CA VAL B 195 -8.44 -17.95 0.60
C VAL B 195 -8.57 -19.06 -0.44
N MET B 196 -8.12 -18.79 -1.66
CA MET B 196 -8.16 -19.77 -2.76
C MET B 196 -6.74 -20.00 -3.25
N ILE B 197 -6.08 -21.01 -2.70
CA ILE B 197 -4.75 -21.41 -3.14
C ILE B 197 -4.91 -22.40 -4.30
N CYS B 198 -4.34 -22.06 -5.45
CA CYS B 198 -4.47 -22.87 -6.67
C CYS B 198 -3.12 -23.46 -7.02
N TYR B 199 -3.07 -24.79 -7.15
CA TYR B 199 -1.88 -25.47 -7.60
C TYR B 199 -1.97 -25.96 -9.05
N HIS B 200 -3.17 -25.99 -9.62
CA HIS B 200 -3.38 -26.42 -11.01
C HIS B 200 -4.73 -25.92 -11.48
N ASP B 201 -5.13 -26.34 -12.69
CA ASP B 201 -6.35 -25.83 -13.30
C ASP B 201 -7.59 -26.27 -12.53
N ALA B 202 -7.57 -27.47 -11.95
CA ALA B 202 -8.71 -27.93 -11.17
C ALA B 202 -9.01 -26.99 -10.03
N ASP B 203 -7.97 -26.55 -9.30
CA ASP B 203 -8.16 -25.55 -8.26
C ASP B 203 -8.59 -24.22 -8.86
N LEU B 204 -8.01 -23.83 -10.00
CA LEU B 204 -8.32 -22.54 -10.59
C LEU B 204 -9.77 -22.47 -11.05
N GLN B 205 -10.33 -23.60 -11.51
CA GLN B 205 -11.70 -23.59 -11.98
C GLN B 205 -12.66 -23.27 -10.85
N LYS B 206 -12.54 -23.96 -9.71
CA LYS B 206 -13.40 -23.68 -8.56
C LYS B 206 -13.30 -22.23 -8.13
N ALA B 207 -12.08 -21.66 -8.17
CA ALA B 207 -11.91 -20.26 -7.80
C ALA B 207 -12.81 -19.37 -8.65
N ILE B 208 -12.79 -19.56 -9.97
CA ILE B 208 -13.58 -18.72 -10.87
C ILE B 208 -15.08 -18.83 -10.53
N THR B 209 -15.54 -20.02 -10.15
CA THR B 209 -16.94 -20.18 -9.78
C THR B 209 -17.27 -19.42 -8.51
N ARG B 210 -16.52 -19.68 -7.43
CA ARG B 210 -16.68 -18.93 -6.18
C ARG B 210 -16.72 -17.43 -6.45
N ILE B 211 -15.80 -16.96 -7.29
CA ILE B 211 -15.74 -15.53 -7.60
C ILE B 211 -16.99 -15.09 -8.36
N LYS B 212 -17.39 -15.88 -9.35
CA LYS B 212 -18.60 -15.54 -10.11
C LYS B 212 -19.84 -15.60 -9.22
N GLU B 213 -19.93 -16.62 -8.37
CA GLU B 213 -21.07 -16.72 -7.46
C GLU B 213 -21.11 -15.56 -6.47
N ALA B 214 -19.94 -14.98 -6.15
CA ALA B 214 -19.84 -13.91 -5.18
C ALA B 214 -19.71 -12.53 -5.83
N THR B 215 -20.08 -12.40 -7.10
CA THR B 215 -19.97 -11.12 -7.79
C THR B 215 -20.76 -10.03 -7.08
N ALA B 216 -21.89 -10.39 -6.47
CA ALA B 216 -22.70 -9.39 -5.78
C ALA B 216 -21.98 -8.81 -4.57
N GLU B 217 -21.07 -9.57 -3.96
CA GLU B 217 -20.37 -9.15 -2.75
C GLU B 217 -18.88 -8.93 -2.97
N THR B 218 -18.39 -9.05 -4.20
CA THR B 218 -16.97 -8.92 -4.49
C THR B 218 -16.75 -7.89 -5.58
N ASN B 219 -15.83 -6.95 -5.33
CA ASN B 219 -15.47 -5.93 -6.32
C ASN B 219 -14.06 -6.10 -6.87
N SER B 220 -13.13 -6.59 -6.06
CA SER B 220 -11.75 -6.75 -6.50
C SER B 220 -11.17 -8.01 -5.87
N LEU B 221 -10.08 -8.49 -6.46
CA LEU B 221 -9.40 -9.69 -5.98
C LEU B 221 -7.90 -9.46 -5.93
N ILE B 222 -7.26 -10.12 -4.97
CA ILE B 222 -5.81 -10.09 -4.82
C ILE B 222 -5.25 -11.38 -5.38
N ILE B 223 -4.40 -11.28 -6.39
CA ILE B 223 -3.65 -12.41 -6.90
C ILE B 223 -2.21 -12.25 -6.45
N GLU B 224 -1.67 -13.28 -5.80
CA GLU B 224 -0.30 -13.22 -5.32
C GLU B 224 0.37 -14.58 -5.51
N GLN B 225 1.68 -14.54 -5.68
CA GLN B 225 2.46 -15.77 -5.77
C GLN B 225 2.34 -16.55 -4.47
N LYS B 226 2.29 -17.87 -4.59
CA LYS B 226 2.33 -18.76 -3.43
C LYS B 226 3.78 -18.91 -3.01
N ILE B 227 4.14 -18.31 -1.87
CA ILE B 227 5.51 -18.39 -1.36
C ILE B 227 5.79 -19.81 -0.91
N GLU B 228 6.97 -20.34 -1.30
CA GLU B 228 7.45 -21.61 -0.74
C GLU B 228 8.08 -21.34 0.62
N GLU B 229 7.21 -21.16 1.62
CA GLU B 229 7.71 -20.77 2.92
C GLU B 229 8.40 -21.93 3.63
N LYS B 230 9.44 -21.60 4.39
CA LYS B 230 10.04 -22.55 5.32
C LYS B 230 9.52 -22.34 6.74
N ALA B 231 8.79 -21.26 6.99
CA ALA B 231 8.22 -20.99 8.29
C ALA B 231 7.01 -20.07 8.10
N ASN B 232 6.00 -20.27 8.94
CA ASN B 232 4.75 -19.50 8.91
C ASN B 232 4.47 -19.07 10.34
N TYR B 233 4.73 -17.80 10.65
CA TYR B 233 4.59 -17.29 12.00
C TYR B 233 3.36 -16.39 12.11
N CYS B 234 2.73 -16.42 13.28
CA CYS B 234 1.80 -15.39 13.69
C CYS B 234 2.44 -14.63 14.85
N VAL B 235 2.87 -13.40 14.58
CA VAL B 235 3.60 -12.58 15.54
C VAL B 235 2.60 -11.65 16.22
N GLN B 236 2.55 -11.69 17.54
CA GLN B 236 1.50 -11.03 18.32
C GLN B 236 2.04 -9.83 19.09
N PHE B 237 1.25 -8.77 19.12
CA PHE B 237 1.58 -7.57 19.88
C PHE B 237 0.34 -7.05 20.58
N ALA B 238 0.56 -6.30 21.66
CA ALA B 238 -0.51 -5.64 22.40
C ALA B 238 -0.18 -4.18 22.55
N TYR B 239 -1.21 -3.35 22.65
CA TYR B 239 -0.99 -1.93 22.91
C TYR B 239 -2.14 -1.37 23.76
N SER B 240 -1.77 -0.62 24.78
CA SER B 240 -2.67 0.28 25.48
C SER B 240 -1.91 1.55 25.80
N GLU B 241 -2.66 2.63 26.11
CA GLU B 241 -2.03 3.91 26.39
C GLU B 241 -1.03 3.80 27.54
N SER B 242 -1.36 3.02 28.57
CA SER B 242 -0.48 2.92 29.73
C SER B 242 0.65 1.93 29.51
N LEU B 243 0.43 0.89 28.71
CA LEU B 243 1.44 -0.14 28.49
C LEU B 243 2.36 0.14 27.30
N GLY B 244 1.91 0.93 26.34
CA GLY B 244 2.70 1.03 25.13
C GLY B 244 2.63 -0.29 24.35
N ILE B 245 3.57 -0.44 23.43
CA ILE B 245 3.62 -1.62 22.57
C ILE B 245 4.42 -2.71 23.28
N GLN B 246 3.77 -3.86 23.50
CA GLN B 246 4.41 -5.01 24.13
C GLN B 246 4.40 -6.19 23.16
N TYR B 247 5.56 -6.82 22.99
CA TYR B 247 5.66 -8.03 22.18
C TYR B 247 5.21 -9.23 23.01
N LEU B 248 4.20 -9.95 22.52
CA LEU B 248 3.63 -11.06 23.25
C LEU B 248 4.28 -12.39 22.94
N GLY B 249 4.91 -12.53 21.78
CA GLY B 249 5.51 -13.77 21.35
C GLY B 249 5.05 -14.12 19.95
N ALA B 250 5.36 -15.34 19.54
CA ALA B 250 4.95 -15.82 18.23
C ALA B 250 4.59 -17.29 18.31
N ALA B 251 3.77 -17.71 17.36
CA ALA B 251 3.40 -19.11 17.19
C ALA B 251 3.47 -19.46 15.71
N THR B 252 3.83 -20.70 15.43
CA THR B 252 3.74 -21.20 14.07
C THR B 252 2.30 -21.62 13.78
N GLN B 253 1.86 -21.38 12.55
CA GLN B 253 0.49 -21.71 12.15
C GLN B 253 0.41 -23.14 11.66
N LEU B 254 -0.70 -23.80 11.99
CA LEU B 254 -1.04 -25.11 11.45
C LEU B 254 -2.18 -24.90 10.45
N THR B 255 -1.82 -24.81 9.18
CA THR B 255 -2.77 -24.64 8.09
C THR B 255 -2.52 -25.72 7.05
N ASP B 256 -3.61 -26.19 6.42
CA ASP B 256 -3.46 -27.25 5.44
C ASP B 256 -2.95 -26.69 4.12
N LYS B 257 -2.88 -27.55 3.10
CA LYS B 257 -2.31 -27.15 1.81
C LYS B 257 -3.10 -26.01 1.17
N TYR B 258 -4.39 -25.90 1.47
CA TYR B 258 -5.22 -24.84 0.92
C TYR B 258 -5.37 -23.66 1.87
N GLY B 259 -4.61 -23.63 2.97
CA GLY B 259 -4.61 -22.50 3.87
C GLY B 259 -5.67 -22.52 4.94
N PHE B 260 -6.41 -23.61 5.09
CA PHE B 260 -7.45 -23.67 6.11
C PHE B 260 -6.82 -23.77 7.49
N TYR B 261 -7.26 -22.92 8.42
CA TYR B 261 -6.65 -22.84 9.74
C TYR B 261 -7.08 -24.01 10.61
N ASN B 262 -6.09 -24.78 11.09
CA ASN B 262 -6.31 -25.86 12.04
C ASN B 262 -5.88 -25.54 13.45
N GLY B 263 -4.82 -24.75 13.63
CA GLY B 263 -4.35 -24.45 14.97
C GLY B 263 -2.97 -23.83 14.94
N ASN B 264 -2.26 -23.96 16.06
CA ASN B 264 -0.96 -23.34 16.23
C ASN B 264 -0.06 -24.24 17.07
N GLU B 265 1.24 -24.12 16.85
CA GLU B 265 2.25 -24.71 17.70
C GLU B 265 3.09 -23.59 18.32
N ASN B 266 3.66 -23.87 19.49
CA ASN B 266 4.55 -22.90 20.08
C ASN B 266 5.89 -22.90 19.33
N THR B 267 6.64 -21.83 19.52
CA THR B 267 7.94 -21.73 18.87
C THR B 267 8.84 -20.83 19.71
N THR B 268 10.11 -21.22 19.80
CA THR B 268 11.14 -20.35 20.34
C THR B 268 11.96 -19.68 19.25
N ASN B 269 12.07 -20.32 18.08
CA ASN B 269 12.98 -19.93 17.01
C ASN B 269 12.45 -18.80 16.13
N VAL B 270 11.88 -17.76 16.72
CA VAL B 270 11.39 -16.60 15.96
C VAL B 270 12.58 -15.78 15.50
N PRO B 271 12.78 -15.59 14.19
CA PRO B 271 13.88 -14.74 13.72
C PRO B 271 13.66 -13.29 14.11
N GLU B 272 14.78 -12.62 14.42
CA GLU B 272 14.70 -11.24 14.88
C GLU B 272 14.11 -10.31 13.81
N HIS B 273 14.39 -10.57 12.53
CA HIS B 273 13.80 -9.73 11.50
C HIS B 273 12.32 -10.00 11.31
N VAL B 274 11.80 -11.12 11.82
CA VAL B 274 10.36 -11.35 11.83
C VAL B 274 9.69 -10.49 12.90
N ILE B 275 10.28 -10.44 14.10
CA ILE B 275 9.73 -9.60 15.16
C ILE B 275 9.79 -8.13 14.75
N GLU B 276 10.94 -7.71 14.19
CA GLU B 276 11.10 -6.31 13.80
C GLU B 276 10.11 -5.94 12.70
N ALA B 277 9.83 -6.86 11.77
CA ALA B 277 8.81 -6.62 10.76
C ALA B 277 7.44 -6.46 11.40
N GLY B 278 7.08 -7.33 12.34
CA GLY B 278 5.82 -7.18 13.04
C GLY B 278 5.77 -5.91 13.86
N ARG B 279 6.90 -5.52 14.45
CA ARG B 279 6.95 -4.29 15.23
C ARG B 279 6.61 -3.07 14.38
N GLN B 280 7.19 -2.99 13.17
CA GLN B 280 6.91 -1.86 12.29
C GLN B 280 5.44 -1.81 11.91
N ILE B 281 4.84 -2.97 11.65
CA ILE B 281 3.42 -3.01 11.28
C ILE B 281 2.55 -2.58 12.45
N MET B 282 2.86 -3.06 13.67
CA MET B 282 2.10 -2.67 14.84
C MET B 282 2.20 -1.17 15.09
N GLU B 283 3.40 -0.61 14.94
CA GLU B 283 3.57 0.84 15.10
C GLU B 283 2.71 1.60 14.10
N ASN B 284 2.71 1.18 12.83
CA ASN B 284 1.88 1.84 11.83
C ASN B 284 0.40 1.77 12.21
N GLY B 285 -0.03 0.65 12.77
CA GLY B 285 -1.42 0.54 13.20
C GLY B 285 -1.71 1.42 14.41
N VAL B 286 -0.86 1.36 15.42
CA VAL B 286 -1.04 2.19 16.61
C VAL B 286 -1.01 3.67 16.25
N ASN B 287 -0.10 4.06 15.34
CA ASN B 287 -0.04 5.46 14.92
C ASN B 287 -1.35 5.93 14.33
N GLN B 288 -2.18 5.01 13.81
CA GLN B 288 -3.47 5.38 13.26
C GLN B 288 -4.60 5.30 14.28
N GLY B 289 -4.33 4.81 15.48
CA GLY B 289 -5.33 4.77 16.52
C GLY B 289 -5.72 3.38 17.00
N PHE B 290 -4.96 2.36 16.61
CA PHE B 290 -5.29 1.00 17.01
C PHE B 290 -4.91 0.74 18.46
N PHE B 291 -5.69 -0.12 19.11
CA PHE B 291 -5.35 -0.61 20.43
C PHE B 291 -5.89 -2.02 20.59
N GLY B 292 -5.34 -2.75 21.55
CA GLY B 292 -5.75 -4.12 21.78
C GLY B 292 -4.68 -5.12 21.41
N VAL B 293 -5.07 -6.23 20.80
CA VAL B 293 -4.14 -7.28 20.40
C VAL B 293 -4.12 -7.35 18.88
N ALA B 294 -2.94 -7.65 18.33
CA ALA B 294 -2.78 -7.83 16.90
C ALA B 294 -1.90 -9.04 16.63
N GLY B 295 -2.21 -9.75 15.55
CA GLY B 295 -1.44 -10.90 15.11
C GLY B 295 -1.14 -10.83 13.63
N PHE B 296 0.12 -10.89 13.25
CA PHE B 296 0.54 -10.71 11.87
C PHE B 296 1.11 -12.03 11.35
N ASP B 297 0.53 -12.52 10.24
CA ASP B 297 1.03 -13.71 9.57
C ASP B 297 2.23 -13.33 8.72
N LEU B 298 3.42 -13.78 9.11
CA LEU B 298 4.65 -13.48 8.40
C LEU B 298 5.31 -14.78 7.95
N LEU B 299 5.43 -14.95 6.64
CA LEU B 299 6.14 -16.09 6.07
C LEU B 299 7.60 -15.77 5.89
N VAL B 300 8.43 -16.81 5.95
CA VAL B 300 9.86 -16.72 5.67
C VAL B 300 10.18 -17.72 4.58
N ASP B 301 10.84 -17.26 3.52
CA ASP B 301 11.20 -18.14 2.41
C ASP B 301 12.62 -18.66 2.59
N GLU B 302 13.14 -19.33 1.57
CA GLU B 302 14.46 -19.95 1.68
C GLU B 302 15.57 -18.91 1.79
N ASP B 303 15.37 -17.71 1.25
CA ASP B 303 16.33 -16.63 1.36
C ASP B 303 16.12 -15.76 2.60
N ASP B 304 15.30 -16.22 3.55
CA ASP B 304 15.01 -15.53 4.80
C ASP B 304 14.29 -14.21 4.60
N ASN B 305 13.68 -14.01 3.43
CA ASN B 305 12.86 -12.83 3.21
C ASN B 305 11.52 -13.01 3.93
N VAL B 306 10.99 -11.90 4.44
CA VAL B 306 9.76 -11.91 5.22
C VAL B 306 8.62 -11.42 4.34
N TYR B 307 7.48 -12.11 4.41
CA TYR B 307 6.31 -11.77 3.62
C TYR B 307 5.11 -11.62 4.53
N ALA B 308 4.47 -10.45 4.48
CA ALA B 308 3.26 -10.18 5.26
C ALA B 308 2.07 -10.53 4.39
N ILE B 309 1.55 -11.76 4.57
CA ILE B 309 0.44 -12.22 3.75
C ILE B 309 -0.92 -11.90 4.34
N ASP B 310 -1.00 -11.65 5.64
CA ASP B 310 -2.28 -11.46 6.30
C ASP B 310 -2.04 -10.78 7.65
N LEU B 311 -2.70 -9.64 7.85
CA LEU B 311 -2.62 -8.90 9.11
C LEU B 311 -3.95 -9.02 9.84
N ASN B 312 -3.89 -9.39 11.11
CA ASN B 312 -5.07 -9.53 11.95
C ASN B 312 -4.95 -8.50 13.07
N PHE B 313 -5.52 -7.32 12.85
CA PHE B 313 -5.54 -6.28 13.89
C PHE B 313 -6.74 -6.56 14.80
N ARG B 314 -6.57 -7.60 15.61
CA ARG B 314 -7.59 -8.17 16.49
C ARG B 314 -6.95 -9.39 17.16
N GLN B 315 -7.67 -9.96 18.11
CA GLN B 315 -7.28 -11.22 18.71
C GLN B 315 -7.44 -12.36 17.71
N ASN B 316 -6.80 -13.49 17.99
CA ASN B 316 -7.03 -14.71 17.23
C ASN B 316 -6.64 -15.90 18.09
N GLY B 317 -6.61 -17.09 17.48
CA GLY B 317 -6.40 -18.30 18.24
C GLY B 317 -5.09 -18.31 19.00
N SER B 318 -3.99 -17.89 18.34
CA SER B 318 -2.69 -17.92 18.98
C SER B 318 -2.59 -16.98 20.18
N THR B 319 -3.48 -15.99 20.28
CA THR B 319 -3.45 -15.06 21.41
C THR B 319 -3.62 -15.79 22.73
N SER B 320 -4.55 -16.74 22.79
CA SER B 320 -4.79 -17.46 24.05
C SER B 320 -3.60 -18.33 24.42
N MET B 321 -3.01 -19.00 23.43
CA MET B 321 -1.81 -19.79 23.69
C MET B 321 -0.71 -18.95 24.30
N LEU B 322 -0.52 -17.73 23.78
CA LEU B 322 0.56 -16.87 24.29
C LEU B 322 0.22 -16.29 25.65
N LEU B 323 -1.02 -15.82 25.85
CA LEU B 323 -1.39 -15.16 27.09
C LEU B 323 -1.60 -16.13 28.25
N LEU B 324 -1.74 -17.43 27.98
CA LEU B 324 -1.85 -18.44 29.01
C LEU B 324 -0.56 -19.24 29.17
N ALA B 325 0.58 -18.68 28.73
CA ALA B 325 1.81 -19.45 28.70
C ALA B 325 2.27 -19.84 30.09
N ASN B 326 1.89 -19.07 31.11
CA ASN B 326 2.34 -19.34 32.47
C ASN B 326 1.63 -20.53 33.11
N GLU B 327 0.57 -21.05 32.51
CA GLU B 327 -0.09 -22.26 32.98
C GLU B 327 0.32 -23.50 32.20
N LEU B 328 1.13 -23.33 31.16
CA LEU B 328 1.44 -24.40 30.22
C LEU B 328 2.88 -24.84 30.35
N ASN B 329 3.12 -26.11 30.05
CA ASN B 329 4.48 -26.62 29.96
C ASN B 329 5.19 -25.98 28.77
N SER B 330 6.42 -25.53 28.98
CA SER B 330 7.14 -24.79 27.96
C SER B 330 7.75 -25.68 26.88
N GLY B 331 7.78 -27.00 27.08
CA GLY B 331 8.40 -27.90 26.13
C GLY B 331 7.81 -27.82 24.74
N TYR B 332 6.57 -28.29 24.59
CA TYR B 332 5.87 -28.25 23.31
C TYR B 332 4.40 -28.00 23.56
N GLN B 333 3.82 -27.08 22.80
CA GLN B 333 2.41 -26.74 22.92
C GLN B 333 1.76 -26.81 21.55
N LYS B 334 0.54 -27.36 21.51
CA LYS B 334 -0.22 -27.47 20.27
C LYS B 334 -1.66 -27.04 20.55
N PHE B 335 -2.06 -25.92 19.96
CA PHE B 335 -3.44 -25.46 20.04
C PHE B 335 -4.21 -26.03 18.86
N TYR B 336 -5.37 -26.62 19.14
CA TYR B 336 -6.12 -27.36 18.13
C TYR B 336 -7.57 -27.47 18.57
N SER B 337 -8.41 -27.86 17.62
N SER B 337 -8.41 -27.86 17.62
CA SER B 337 -9.84 -28.08 17.87
CA SER B 337 -9.84 -28.08 17.87
C SER B 337 -10.23 -29.45 17.36
C SER B 337 -10.22 -29.46 17.35
N TYR B 338 -11.26 -30.03 17.97
CA TYR B 338 -11.73 -31.37 17.64
C TYR B 338 -13.24 -31.42 17.64
N HIS B 339 -13.80 -32.26 16.78
CA HIS B 339 -15.23 -32.50 16.69
C HIS B 339 -15.56 -33.89 17.21
N SER B 340 -16.79 -34.05 17.71
CA SER B 340 -17.27 -35.38 18.08
C SER B 340 -17.46 -36.23 16.83
N LYS B 341 -17.20 -37.53 16.98
CA LYS B 341 -17.46 -38.47 15.90
C LYS B 341 -18.95 -38.79 15.75
N GLY B 342 -19.78 -38.31 16.67
CA GLY B 342 -21.20 -38.58 16.64
C GLY B 342 -21.74 -38.80 18.04
N ASP B 343 -21.02 -39.60 18.82
CA ASP B 343 -21.37 -39.90 20.20
C ASP B 343 -20.80 -38.81 21.10
N ASN B 344 -21.62 -37.81 21.43
CA ASN B 344 -21.13 -36.69 22.23
C ASN B 344 -20.77 -37.10 23.65
N THR B 345 -21.52 -38.05 24.24
CA THR B 345 -21.19 -38.49 25.59
C THR B 345 -19.83 -39.16 25.63
N HIS B 346 -19.54 -40.01 24.65
CA HIS B 346 -18.19 -40.59 24.54
C HIS B 346 -17.16 -39.51 24.27
N PHE B 347 -17.51 -38.53 23.41
CA PHE B 347 -16.60 -37.44 23.10
C PHE B 347 -16.18 -36.70 24.37
N PHE B 348 -17.16 -36.29 25.18
CA PHE B 348 -16.85 -35.53 26.40
C PHE B 348 -16.13 -36.39 27.43
N ASN B 349 -16.54 -37.64 27.59
CA ASN B 349 -15.91 -38.51 28.58
C ASN B 349 -14.44 -38.73 28.25
N THR B 350 -14.11 -38.98 26.98
CA THR B 350 -12.71 -39.11 26.58
C THR B 350 -11.94 -37.83 26.84
N ILE B 351 -12.56 -36.69 26.56
CA ILE B 351 -11.91 -35.40 26.78
C ILE B 351 -11.62 -35.20 28.26
N LEU B 352 -12.64 -35.40 29.10
CA LEU B 352 -12.48 -35.18 30.54
C LEU B 352 -11.38 -36.08 31.10
N LYS B 353 -11.25 -37.30 30.59
CA LYS B 353 -10.20 -38.19 31.05
C LYS B 353 -8.82 -37.63 30.76
N TYR B 354 -8.57 -37.22 29.51
CA TYR B 354 -7.26 -36.71 29.16
C TYR B 354 -6.97 -35.38 29.85
N VAL B 355 -7.99 -34.57 30.11
CA VAL B 355 -7.77 -33.32 30.83
C VAL B 355 -7.30 -33.60 32.26
N LYS B 356 -7.86 -34.64 32.89
CA LYS B 356 -7.48 -34.97 34.25
C LYS B 356 -6.07 -35.53 34.32
N GLU B 357 -5.60 -36.16 33.24
CA GLU B 357 -4.25 -36.71 33.23
C GLU B 357 -3.17 -35.63 33.26
N GLY B 358 -3.51 -34.39 32.90
CA GLY B 358 -2.67 -33.23 33.18
C GLY B 358 -1.97 -32.60 31.99
N SER B 359 -2.04 -33.19 30.80
CA SER B 359 -1.33 -32.65 29.64
C SER B 359 -2.27 -32.09 28.57
N LEU B 360 -3.52 -31.80 28.95
CA LEU B 360 -4.50 -31.25 28.01
C LEU B 360 -5.18 -30.08 28.70
N TYR B 361 -5.01 -28.87 28.12
CA TYR B 361 -5.57 -27.66 28.71
C TYR B 361 -6.86 -27.30 27.97
N PRO B 362 -8.02 -27.37 28.64
CA PRO B 362 -9.28 -27.06 27.94
C PRO B 362 -9.47 -25.55 27.80
N LEU B 363 -9.86 -25.12 26.60
CA LEU B 363 -10.16 -23.72 26.36
C LEU B 363 -11.63 -23.45 26.09
N SER B 364 -12.29 -24.29 25.27
CA SER B 364 -13.66 -24.04 24.89
C SER B 364 -14.36 -25.37 24.62
N TYR B 365 -15.68 -25.38 24.82
CA TYR B 365 -16.49 -26.56 24.57
C TYR B 365 -17.85 -26.14 24.07
N TYR B 366 -18.25 -26.72 22.93
CA TYR B 366 -19.54 -26.49 22.32
C TYR B 366 -20.37 -27.77 22.48
N ASP B 367 -21.37 -27.73 23.35
CA ASP B 367 -22.12 -28.91 23.74
C ASP B 367 -23.19 -29.18 22.69
N GLY B 368 -22.93 -30.12 21.79
CA GLY B 368 -23.90 -30.47 20.78
C GLY B 368 -25.18 -31.07 21.31
N ASP B 369 -25.14 -31.61 22.54
CA ASP B 369 -26.36 -32.14 23.14
C ASP B 369 -27.35 -31.03 23.51
N TRP B 370 -26.94 -29.76 23.45
CA TRP B 370 -27.88 -28.66 23.59
C TRP B 370 -29.01 -28.75 22.57
N TYR B 371 -28.73 -29.35 21.41
CA TYR B 371 -29.73 -29.54 20.37
C TYR B 371 -30.51 -30.84 20.53
N GLY B 372 -30.29 -31.56 21.62
CA GLY B 372 -30.79 -32.91 21.77
C GLY B 372 -29.65 -33.91 21.67
N GLU B 373 -29.82 -35.05 22.35
CA GLU B 373 -28.74 -36.02 22.49
C GLU B 373 -28.18 -36.44 21.13
N ASP B 374 -26.89 -36.17 20.94
CA ASP B 374 -26.14 -36.52 19.72
C ASP B 374 -26.75 -35.96 18.45
N LYS B 375 -27.61 -34.95 18.56
CA LYS B 375 -28.18 -34.38 17.34
C LYS B 375 -27.16 -33.53 16.59
N VAL B 376 -26.26 -32.88 17.32
CA VAL B 376 -25.23 -32.03 16.75
C VAL B 376 -23.90 -32.43 17.37
N LYS B 377 -22.86 -32.49 16.55
CA LYS B 377 -21.54 -32.87 17.04
C LYS B 377 -20.99 -31.79 17.96
N SER B 378 -20.51 -32.21 19.14
CA SER B 378 -19.83 -31.30 20.05
C SER B 378 -18.44 -30.93 19.51
N ARG B 379 -17.92 -29.80 19.97
CA ARG B 379 -16.63 -29.29 19.54
C ARG B 379 -15.82 -28.85 20.76
N PHE B 380 -14.51 -29.01 20.68
CA PHE B 380 -13.62 -28.85 21.82
C PHE B 380 -12.35 -28.13 21.39
N GLY B 381 -12.05 -27.01 22.04
CA GLY B 381 -10.82 -26.25 21.80
C GLY B 381 -9.87 -26.40 22.99
N CYS B 382 -8.61 -26.66 22.68
CA CYS B 382 -7.66 -27.05 23.73
C CYS B 382 -6.23 -26.78 23.29
N ILE B 383 -5.32 -26.92 24.25
CA ILE B 383 -3.88 -26.82 24.04
C ILE B 383 -3.23 -28.04 24.66
N TRP B 384 -2.70 -28.92 23.82
CA TRP B 384 -1.83 -29.99 24.32
C TRP B 384 -0.48 -29.41 24.71
N HIS B 385 -0.02 -29.70 25.93
CA HIS B 385 1.25 -29.19 26.39
C HIS B 385 2.01 -30.26 27.16
N GLY B 386 3.31 -30.34 26.91
CA GLY B 386 4.15 -31.31 27.57
C GLY B 386 5.61 -31.03 27.33
N ASP B 387 6.45 -31.97 27.76
CA ASP B 387 7.89 -31.78 27.64
C ASP B 387 8.37 -31.93 26.21
N SER B 388 7.91 -32.96 25.52
CA SER B 388 8.44 -33.32 24.21
C SER B 388 7.35 -33.30 23.15
N LYS B 389 7.73 -32.91 21.94
CA LYS B 389 6.80 -32.98 20.81
C LYS B 389 6.37 -34.42 20.55
N GLU B 390 7.29 -35.38 20.69
CA GLU B 390 6.99 -36.77 20.37
C GLU B 390 5.93 -37.33 21.33
N THR B 391 6.11 -37.11 22.63
CA THR B 391 5.16 -37.67 23.60
C THR B 391 3.80 -36.99 23.50
N VAL B 392 3.79 -35.67 23.31
CA VAL B 392 2.53 -34.94 23.19
C VAL B 392 1.75 -35.43 21.98
N LEU B 393 2.44 -35.67 20.87
CA LEU B 393 1.75 -36.10 19.65
C LEU B 393 1.21 -37.53 19.77
N GLU B 394 1.87 -38.38 20.57
CA GLU B 394 1.31 -39.70 20.84
C GLU B 394 0.10 -39.59 21.76
N ASN B 395 0.15 -38.68 22.72
CA ASN B 395 -1.01 -38.40 23.57
C ASN B 395 -2.21 -38.02 22.71
N GLU B 396 -2.02 -37.10 21.76
CA GLU B 396 -3.10 -36.72 20.87
C GLU B 396 -3.54 -37.89 20.00
N ARG B 397 -2.58 -38.71 19.55
CA ARG B 397 -2.91 -39.85 18.69
C ARG B 397 -3.73 -40.90 19.43
N ALA B 398 -3.41 -41.13 20.71
CA ALA B 398 -4.21 -42.05 21.51
C ALA B 398 -5.60 -41.50 21.74
N PHE B 399 -5.69 -40.21 22.08
CA PHE B 399 -6.98 -39.54 22.22
C PHE B 399 -7.83 -39.69 20.96
N LEU B 400 -7.22 -39.52 19.79
CA LEU B 400 -7.98 -39.62 18.54
C LEU B 400 -8.43 -41.04 18.26
N ALA B 401 -7.62 -42.04 18.65
CA ALA B 401 -7.99 -43.43 18.40
C ALA B 401 -9.19 -43.85 19.25
N GLU B 402 -9.24 -43.39 20.50
CA GLU B 402 -10.38 -43.69 21.36
C GLU B 402 -11.66 -43.11 20.79
N LEU B 403 -11.61 -41.87 20.29
CA LEU B 403 -12.79 -41.26 19.69
C LEU B 403 -13.25 -42.03 18.45
N GLU B 404 -12.32 -42.63 17.73
CA GLU B 404 -12.64 -43.30 16.48
C GLU B 404 -13.34 -44.63 16.73
N HIS B 405 -14.40 -44.88 15.97
CA HIS B 405 -15.18 -46.10 16.06
C HIS B 405 -15.00 -46.90 14.77
N TYR B 406 -13.81 -47.49 14.62
CA TYR B 406 -13.52 -48.35 13.48
C TYR B 406 -12.58 -49.48 13.89
C1 CIT C . 5.83 12.42 -15.32
O1 CIT C . 4.62 12.68 -15.20
O2 CIT C . 6.28 11.40 -14.74
C2 CIT C . 6.71 13.34 -16.14
C3 CIT C . 8.17 13.33 -15.68
O7 CIT C . 8.77 12.07 -16.05
C4 CIT C . 9.00 14.43 -16.35
C5 CIT C . 8.61 15.83 -15.93
O3 CIT C . 9.47 16.57 -15.40
O4 CIT C . 7.46 16.28 -16.11
C6 CIT C . 8.25 13.49 -14.17
O5 CIT C . 7.52 14.31 -13.57
O6 CIT C . 9.04 12.78 -13.51
PB ADP D . 9.58 8.64 -14.32
O1B ADP D . 10.85 8.84 -15.11
O2B ADP D . 8.41 9.42 -14.88
O3B ADP D . 9.78 8.81 -12.84
PA ADP D . 7.88 6.34 -14.87
O1A ADP D . 6.83 7.38 -15.13
O2A ADP D . 7.63 5.21 -13.89
O3A ADP D . 9.28 7.06 -14.48
O5' ADP D . 8.24 5.68 -16.29
C5' ADP D . 8.33 6.53 -17.42
C4' ADP D . 7.48 6.01 -18.58
O4' ADP D . 7.72 4.62 -18.81
C3' ADP D . 5.99 6.14 -18.34
O3' ADP D . 5.48 7.43 -18.70
C2' ADP D . 5.44 5.03 -19.22
O2' ADP D . 5.34 5.48 -20.57
C1' ADP D . 6.52 3.97 -19.19
N9 ADP D . 6.22 2.96 -18.16
C8 ADP D . 6.76 2.91 -16.93
N7 ADP D . 6.29 1.85 -16.22
C5 ADP D . 5.41 1.20 -17.01
C6 ADP D . 4.56 -0.01 -16.89
N6 ADP D . 4.54 -0.74 -15.75
N1 ADP D . 3.80 -0.34 -17.95
C2 ADP D . 3.80 0.39 -19.08
N3 ADP D . 4.55 1.49 -19.26
C4 ADP D . 5.38 1.93 -18.28
MG MG E . 6.40 9.30 -14.87
NA NA F . 8.00 10.88 -12.61
NA NA G . 7.59 10.09 -9.49
NA NA H . 4.77 6.51 -24.38
C1 CIT I . -4.27 -16.24 11.55
O1 CIT I . -4.57 -15.72 10.46
O2 CIT I . -3.14 -15.97 12.03
C2 CIT I . -5.20 -17.16 12.27
C3 CIT I . -6.62 -17.10 11.70
O7 CIT I . -6.57 -17.52 10.32
C4 CIT I . -7.59 -18.03 12.42
C5 CIT I . -7.78 -17.70 13.88
O3 CIT I . -6.85 -17.82 14.71
O4 CIT I . -8.89 -17.30 14.28
C6 CIT I . -7.16 -15.67 11.73
O5 CIT I . -7.92 -15.26 10.83
O6 CIT I . -6.82 -14.89 12.66
PB ADP J . -6.84 -15.87 6.67
O1B ADP J . -7.37 -14.45 6.62
O2B ADP J . -7.91 -16.92 6.51
O3B ADP J . -5.90 -16.13 7.82
PA ADP J . -4.39 -15.99 5.07
O1A ADP J . -4.04 -14.91 4.07
O2A ADP J . -3.66 -16.06 6.39
O3A ADP J . -5.99 -15.98 5.29
O5' ADP J . -4.16 -17.41 4.36
C5' ADP J . -4.29 -18.59 5.16
C4' ADP J . -3.08 -19.48 4.98
O4' ADP J . -2.83 -19.71 3.59
C3' ADP J . -1.81 -18.87 5.53
O3' ADP J . -1.60 -19.18 6.90
C2' ADP J . -0.74 -19.49 4.67
O2' ADP J . -0.39 -20.76 5.24
C1' ADP J . -1.42 -19.74 3.35
N9 ADP J . -1.08 -18.62 2.43
C8 ADP J . -1.84 -17.54 2.20
N7 ADP J . -1.25 -16.70 1.32
C5 ADP J . -0.07 -17.25 0.96
C6 ADP J . 1.06 -16.89 0.07
N6 ADP J . 1.04 -15.74 -0.65
N1 ADP J . 2.09 -17.75 0.00
C2 ADP J . 2.12 -18.89 0.70
N3 ADP J . 1.13 -19.29 1.54
C4 ADP J . 0.03 -18.51 1.71
C1 CIT K . -28.39 1.09 15.36
O1 CIT K . -28.93 2.08 15.92
O2 CIT K . -27.78 0.27 16.08
C2 CIT K . -28.51 0.85 13.87
C3 CIT K . -29.94 0.98 13.36
O7 CIT K . -30.03 0.34 12.08
C4 CIT K . -30.87 0.24 14.35
C5 CIT K . -32.18 0.94 14.61
O3 CIT K . -33.10 0.92 13.78
O4 CIT K . -32.36 1.55 15.70
C6 CIT K . -30.24 2.46 13.19
O5 CIT K . -29.39 3.32 13.48
O6 CIT K . -31.34 2.86 12.72
C1 CIT L . -18.30 -29.14 8.48
O1 CIT L . -19.49 -28.75 8.37
O2 CIT L . -18.05 -30.12 9.20
C2 CIT L . -17.19 -28.40 7.77
C3 CIT L . -16.16 -27.69 8.66
O7 CIT L . -14.99 -28.55 8.71
C4 CIT L . -15.73 -26.38 8.04
C5 CIT L . -16.91 -25.42 7.93
O3 CIT L . -17.61 -25.39 6.88
O4 CIT L . -17.18 -24.64 8.86
C6 CIT L . -16.58 -27.41 10.11
O5 CIT L . -15.69 -27.23 10.97
O6 CIT L . -17.77 -27.36 10.48
MG MG M . -3.89 -15.74 8.39
NA NA N . -6.67 -10.69 8.59
NA NA O . -6.41 -14.07 9.29
NA NA P . 0.53 -24.54 6.17
#